data_8PLT
#
_entry.id   8PLT
#
_cell.length_a   61.944
_cell.length_b   103.565
_cell.length_c   134.011
_cell.angle_alpha   90.000
_cell.angle_beta   91.980
_cell.angle_gamma   90.000
#
_symmetry.space_group_name_H-M   'P 1 21 1'
#
loop_
_entity.id
_entity.type
_entity.pdbx_description
1 polymer 'Thioredoxin glutathione reductase'
2 non-polymer 'FLAVIN-ADENINE DINUCLEOTIDE'
3 non-polymer N-{[4-(dimethylamino)phenyl]methyl}-4H-1,2,4-triazol-4-amine
4 water water
#
_entity_poly.entity_id   1
_entity_poly.type   'polypeptide(L)'
_entity_poly.pdbx_seq_one_letter_code
;GPPPADGTSQWLRKTVDSAAVILFSKTTCPYCKKVKDVLAEAKIKHATIELDQLSNGSAIQKCLASFSKIETVPQMFVRG
KFIGDSQTVLKYYSNDELAGIVNESKYDYDLIVIGGGSGGLAAGKEAAKYGAKTAVLDYVEPTPIGTTWGLGGTCVNVGC
IPKKLMHQAGLLSHALEDAEHFGWSLDRSKISHNWSTMVEGVQSHIGSLNWGYKVALRDNQVTYLNAKGRLISPHEVQIT
DKNQKVSTITGNKIILATGERPKYPEIPGAVEYGITSDDLFSLPYFPGKTLVIGASYVALECAGFLASLGGDVTVMVRSI
LLRGFDQQMAEKVGDYMENHGVKFAKLCVPDEIKQLKVVDTENNKPGLLLVKGHYTDGKKFEEEFETVIFAVGREPQLSK
VLCETVGVKLDKNGRVVCTDDEQTTVSNVYAIGDINAGKPQLTPVAIQAGRYLARRLFAGATELTDYSNVATTVFTPLEY
GACGLSEEDAIEKYGDKDIEVYHSNFKPLEWTVAHREDNVCYMKLVCRKSDNMRVLGLHVLGPNAGEITQGYAVAIKMGA
TKADFDRTIGIHPTCSETFTTLHVTKKSGVSPIVSGC
;
_entity_poly.pdbx_strand_id   A,B
#
# COMPACT_ATOMS: atom_id res chain seq x y z
N GLY A 7 6.21 18.00 21.96
CA GLY A 7 5.80 19.13 21.15
C GLY A 7 6.63 19.27 19.88
N THR A 8 7.94 19.07 20.02
CA THR A 8 8.82 19.14 18.87
C THR A 8 8.51 18.02 17.86
N SER A 9 8.07 16.85 18.34
CA SER A 9 7.75 15.76 17.43
C SER A 9 6.47 16.04 16.64
N GLN A 10 5.51 16.79 17.21
CA GLN A 10 4.29 17.09 16.46
C GLN A 10 4.59 18.03 15.29
N TRP A 11 5.51 18.96 15.47
CA TRP A 11 5.91 19.83 14.37
C TRP A 11 6.55 19.01 13.25
N LEU A 12 7.47 18.11 13.59
CA LEU A 12 8.21 17.39 12.56
C LEU A 12 7.28 16.50 11.74
N ARG A 13 6.30 15.87 12.39
CA ARG A 13 5.37 15.04 11.66
C ARG A 13 4.50 15.88 10.73
N LYS A 14 4.12 17.08 11.17
CA LYS A 14 3.31 17.95 10.32
C LYS A 14 4.12 18.47 9.13
N THR A 15 5.38 18.85 9.37
CA THR A 15 6.24 19.33 8.29
C THR A 15 6.47 18.25 7.24
N VAL A 16 6.81 17.04 7.67
CA VAL A 16 7.13 15.97 6.73
C VAL A 16 5.92 15.59 5.90
N ASP A 17 4.71 15.60 6.50
CA ASP A 17 3.51 15.12 5.81
C ASP A 17 3.05 16.08 4.72
N SER A 18 3.09 17.40 4.96
CA SER A 18 2.56 18.31 3.94
C SER A 18 3.62 18.84 2.97
N ALA A 19 4.89 18.97 3.38
CA ALA A 19 5.93 19.43 2.45
C ALA A 19 5.96 18.59 1.18
N ALA A 20 6.16 19.27 0.04
CA ALA A 20 6.23 18.59 -1.25
C ALA A 20 7.61 17.96 -1.48
N VAL A 21 8.68 18.74 -1.31
CA VAL A 21 10.06 18.26 -1.39
C VAL A 21 10.85 19.01 -0.34
N ILE A 22 11.48 18.29 0.59
CA ILE A 22 12.15 18.94 1.71
C ILE A 22 13.46 18.21 2.02
N LEU A 23 14.52 18.99 2.18
CA LEU A 23 15.84 18.47 2.51
C LEU A 23 16.19 18.90 3.93
N PHE A 24 16.50 17.92 4.77
CA PHE A 24 17.02 18.18 6.11
C PHE A 24 18.54 18.20 6.04
N SER A 25 19.15 19.22 6.63
CA SER A 25 20.50 19.59 6.26
C SER A 25 21.21 20.22 7.45
N LYS A 26 22.51 20.47 7.27
CA LYS A 26 23.30 21.28 8.18
C LYS A 26 24.19 22.18 7.34
N THR A 27 24.42 23.40 7.85
CA THR A 27 25.09 24.45 7.06
C THR A 27 26.41 23.97 6.48
N THR A 28 27.27 23.41 7.32
CA THR A 28 28.56 22.88 6.91
C THR A 28 28.42 21.35 6.84
N CYS A 29 28.18 20.85 5.64
CA CYS A 29 27.86 19.44 5.45
C CYS A 29 28.13 19.11 4.00
N PRO A 30 29.35 18.69 3.67
CA PRO A 30 29.68 18.41 2.25
C PRO A 30 28.75 17.41 1.61
N TYR A 31 28.24 16.44 2.37
CA TYR A 31 27.30 15.49 1.79
C TYR A 31 25.96 16.16 1.49
N CYS A 32 25.54 17.09 2.33
CA CYS A 32 24.32 17.86 2.04
C CYS A 32 24.51 18.73 0.81
N LYS A 33 25.65 19.43 0.73
CA LYS A 33 25.94 20.25 -0.45
C LYS A 33 25.94 19.40 -1.72
N LYS A 34 26.44 18.16 -1.63
CA LYS A 34 26.42 17.28 -2.79
C LYS A 34 24.98 17.00 -3.23
N VAL A 35 24.06 16.88 -2.27
CA VAL A 35 22.65 16.67 -2.63
C VAL A 35 22.03 17.95 -3.16
N LYS A 36 22.33 19.10 -2.55
CA LYS A 36 21.77 20.35 -3.04
C LYS A 36 22.12 20.59 -4.50
N ASP A 37 23.38 20.30 -4.87
CA ASP A 37 23.83 20.55 -6.23
C ASP A 37 23.13 19.63 -7.23
N VAL A 38 22.90 18.38 -6.87
CA VAL A 38 22.10 17.51 -7.73
C VAL A 38 20.68 18.04 -7.86
N LEU A 39 20.09 18.48 -6.75
CA LEU A 39 18.67 18.83 -6.70
C LEU A 39 18.34 19.96 -7.67
N ALA A 40 19.02 21.10 -7.54
CA ALA A 40 18.68 22.23 -8.39
C ALA A 40 19.31 22.15 -9.78
N GLU A 41 20.33 21.31 -9.97
CA GLU A 41 20.80 21.03 -11.32
C GLU A 41 19.69 20.42 -12.17
N ALA A 42 18.90 19.52 -11.58
CA ALA A 42 17.77 18.90 -12.26
C ALA A 42 16.52 19.77 -12.22
N LYS A 43 16.64 21.03 -11.78
CA LYS A 43 15.52 21.98 -11.70
C LYS A 43 14.42 21.44 -10.79
N ILE A 44 14.85 20.95 -9.62
CA ILE A 44 13.95 20.45 -8.58
C ILE A 44 13.95 21.48 -7.44
N LYS A 45 12.80 22.13 -7.24
CA LYS A 45 12.66 23.08 -6.14
C LYS A 45 12.23 22.35 -4.88
N HIS A 46 12.68 22.88 -3.74
CA HIS A 46 12.49 22.18 -2.49
C HIS A 46 12.69 23.13 -1.33
N ALA A 47 12.07 22.81 -0.21
CA ALA A 47 12.42 23.48 1.04
C ALA A 47 13.69 22.86 1.59
N THR A 48 14.34 23.62 2.47
CA THR A 48 15.55 23.17 3.14
C THR A 48 15.49 23.67 4.57
N ILE A 49 15.77 22.78 5.52
CA ILE A 49 15.79 23.13 6.93
C ILE A 49 17.19 22.81 7.45
N GLU A 50 17.95 23.85 7.81
CA GLU A 50 19.32 23.68 8.27
C GLU A 50 19.30 23.47 9.78
N LEU A 51 19.37 22.19 10.20
CA LEU A 51 19.12 21.80 11.58
C LEU A 51 20.02 22.52 12.59
N ASP A 52 21.17 23.06 12.16
CA ASP A 52 22.04 23.77 13.08
C ASP A 52 21.59 25.21 13.32
N GLN A 53 20.53 25.65 12.66
CA GLN A 53 19.97 26.98 12.85
C GLN A 53 18.81 26.99 13.86
N LEU A 54 18.39 25.83 14.36
CA LEU A 54 17.29 25.76 15.30
C LEU A 54 17.81 25.35 16.67
N SER A 55 17.25 25.97 17.72
CA SER A 55 17.77 25.79 19.07
C SER A 55 17.63 24.34 19.55
N ASN A 56 16.62 23.62 19.05
CA ASN A 56 16.42 22.22 19.37
C ASN A 56 16.60 21.35 18.12
N GLY A 57 17.56 21.71 17.27
CA GLY A 57 17.91 20.88 16.14
C GLY A 57 18.52 19.54 16.53
N SER A 58 19.07 19.44 17.74
CA SER A 58 19.58 18.16 18.21
C SER A 58 18.45 17.16 18.38
N ALA A 59 17.37 17.57 19.05
CA ALA A 59 16.22 16.69 19.24
C ALA A 59 15.54 16.37 17.91
N ILE A 60 15.48 17.34 16.98
CA ILE A 60 14.83 17.11 15.70
C ILE A 60 15.56 16.02 14.93
N GLN A 61 16.89 16.10 14.87
CA GLN A 61 17.69 15.10 14.16
C GLN A 61 17.34 13.69 14.62
N LYS A 62 17.21 13.49 15.93
CA LYS A 62 16.83 12.18 16.44
C LYS A 62 15.44 11.77 15.96
N CYS A 63 14.45 12.66 16.10
CA CYS A 63 13.07 12.30 15.78
C CYS A 63 12.88 11.95 14.30
N LEU A 64 13.81 12.39 13.43
CA LEU A 64 13.76 11.99 12.03
C LEU A 64 13.85 10.47 11.86
N ALA A 65 14.56 9.79 12.78
CA ALA A 65 14.73 8.35 12.65
C ALA A 65 13.39 7.61 12.75
N SER A 66 12.41 8.21 13.41
CA SER A 66 11.08 7.61 13.45
C SER A 66 10.48 7.47 12.05
N PHE A 67 10.99 8.23 11.09
CA PHE A 67 10.53 8.22 9.70
C PHE A 67 11.46 7.43 8.80
N SER A 68 12.78 7.58 8.99
CA SER A 68 13.78 7.07 8.06
C SER A 68 14.59 5.90 8.59
N LYS A 69 14.55 5.65 9.91
CA LYS A 69 15.40 4.70 10.63
C LYS A 69 16.85 5.14 10.70
N ILE A 70 17.18 6.33 10.20
CA ILE A 70 18.54 6.84 10.30
C ILE A 70 18.53 8.19 11.04
N GLU A 71 19.70 8.61 11.52
CA GLU A 71 19.83 9.80 12.35
C GLU A 71 20.80 10.84 11.79
N THR A 72 21.31 10.65 10.58
CA THR A 72 22.28 11.56 10.01
C THR A 72 21.59 12.55 9.07
N VAL A 73 22.39 13.50 8.56
CA VAL A 73 21.98 14.40 7.49
C VAL A 73 22.92 14.16 6.31
N PRO A 74 22.48 14.34 5.06
CA PRO A 74 21.17 14.84 4.60
C PRO A 74 20.07 13.79 4.57
N GLN A 75 18.82 14.22 4.76
CA GLN A 75 17.67 13.36 4.53
C GLN A 75 16.70 14.09 3.61
N MET A 76 16.28 13.42 2.54
CA MET A 76 15.34 13.97 1.56
C MET A 76 14.01 13.25 1.62
N PHE A 77 12.92 14.01 1.74
CA PHE A 77 11.56 13.47 1.73
C PHE A 77 10.78 14.04 0.55
N VAL A 78 9.82 13.27 0.07
CA VAL A 78 8.88 13.72 -0.96
C VAL A 78 7.49 13.33 -0.49
N ARG A 79 6.63 14.33 -0.28
CA ARG A 79 5.22 14.14 0.05
C ARG A 79 5.02 13.13 1.18
N GLY A 80 5.85 13.26 2.22
CA GLY A 80 5.72 12.43 3.40
C GLY A 80 6.55 11.15 3.43
N LYS A 81 7.14 10.75 2.30
CA LYS A 81 7.87 9.49 2.20
C LYS A 81 9.38 9.77 2.14
N PHE A 82 10.13 9.08 3.00
CA PHE A 82 11.58 9.20 3.00
C PHE A 82 12.16 8.62 1.72
N ILE A 83 13.06 9.36 1.09
CA ILE A 83 13.62 8.98 -0.20
C ILE A 83 15.03 8.41 -0.05
N GLY A 84 15.85 8.98 0.81
CA GLY A 84 17.16 8.41 1.01
C GLY A 84 18.16 9.42 1.55
N ASP A 85 19.38 8.92 1.75
CA ASP A 85 20.51 9.73 2.16
C ASP A 85 21.25 10.24 0.92
N SER A 86 22.52 10.61 1.08
CA SER A 86 23.30 11.06 -0.08
C SER A 86 23.44 9.95 -1.12
N GLN A 87 23.92 8.77 -0.71
CA GLN A 87 24.19 7.70 -1.67
C GLN A 87 22.93 7.33 -2.44
N THR A 88 21.79 7.25 -1.76
CA THR A 88 20.54 6.80 -2.37
C THR A 88 20.03 7.80 -3.41
N VAL A 89 20.06 9.09 -3.09
CA VAL A 89 19.56 10.10 -4.03
C VAL A 89 20.42 10.13 -5.29
N LEU A 90 21.74 10.11 -5.13
CA LEU A 90 22.62 10.13 -6.28
C LEU A 90 22.40 8.91 -7.17
N LYS A 91 22.18 7.73 -6.55
CA LYS A 91 21.85 6.53 -7.30
C LYS A 91 20.59 6.73 -8.16
N TYR A 92 19.56 7.35 -7.59
CA TYR A 92 18.37 7.70 -8.37
C TYR A 92 18.68 8.71 -9.46
N TYR A 93 19.60 9.65 -9.20
CA TYR A 93 20.00 10.61 -10.22
C TYR A 93 20.64 9.91 -11.41
N SER A 94 21.79 9.25 -11.19
CA SER A 94 22.53 8.64 -12.29
C SER A 94 21.79 7.48 -12.94
N ASN A 95 20.66 7.07 -12.41
CA ASN A 95 19.83 6.01 -13.00
C ASN A 95 18.59 6.56 -13.70
N ASP A 96 18.43 7.89 -13.74
CA ASP A 96 17.29 8.54 -14.39
C ASP A 96 15.97 8.18 -13.71
N GLU A 97 16.02 7.84 -12.43
CA GLU A 97 14.80 7.56 -11.68
C GLU A 97 14.34 8.72 -10.81
N LEU A 98 15.15 9.79 -10.69
CA LEU A 98 14.88 10.83 -9.70
C LEU A 98 13.66 11.68 -10.06
N ALA A 99 13.57 12.11 -11.32
CA ALA A 99 12.44 12.97 -11.72
C ALA A 99 11.11 12.28 -11.44
N GLY A 100 11.01 10.97 -11.68
CA GLY A 100 9.77 10.26 -11.44
C GLY A 100 9.45 10.10 -9.97
N ILE A 101 10.49 10.03 -9.13
CA ILE A 101 10.28 9.99 -7.68
C ILE A 101 9.62 11.29 -7.23
N VAL A 102 10.24 12.43 -7.53
CA VAL A 102 9.77 13.72 -7.02
C VAL A 102 8.44 14.17 -7.61
N ASN A 103 7.98 13.57 -8.71
CA ASN A 103 6.68 13.90 -9.27
C ASN A 103 5.59 12.92 -8.85
N GLU A 104 5.90 12.01 -7.93
CA GLU A 104 4.94 11.03 -7.45
C GLU A 104 3.94 11.70 -6.52
N SER A 105 2.66 11.71 -6.90
CA SER A 105 1.66 12.30 -6.04
C SER A 105 0.32 11.58 -6.18
N LYS A 106 -0.35 11.40 -5.04
CA LYS A 106 -1.74 10.97 -5.01
C LYS A 106 -2.68 11.97 -5.68
N TYR A 107 -2.25 13.22 -5.86
CA TYR A 107 -3.11 14.27 -6.39
C TYR A 107 -2.44 14.91 -7.61
N ASP A 108 -3.27 15.62 -8.39
CA ASP A 108 -2.73 16.41 -9.50
C ASP A 108 -1.81 17.52 -9.01
N TYR A 109 -2.16 18.17 -7.90
CA TYR A 109 -1.43 19.34 -7.43
C TYR A 109 -1.21 19.24 -5.94
N ASP A 110 -0.07 19.78 -5.49
CA ASP A 110 0.12 19.94 -4.06
C ASP A 110 -0.82 21.01 -3.49
N LEU A 111 -1.14 22.03 -4.28
CA LEU A 111 -1.93 23.17 -3.84
C LEU A 111 -2.82 23.62 -4.99
N ILE A 112 -4.09 23.86 -4.69
CA ILE A 112 -4.99 24.54 -5.61
C ILE A 112 -5.45 25.82 -4.92
N VAL A 113 -5.22 26.96 -5.58
CA VAL A 113 -5.71 28.25 -5.07
C VAL A 113 -6.95 28.66 -5.87
N ILE A 114 -8.08 28.86 -5.18
CA ILE A 114 -9.29 29.38 -5.80
C ILE A 114 -9.34 30.88 -5.54
N GLY A 115 -9.08 31.66 -6.60
CA GLY A 115 -9.05 33.11 -6.54
C GLY A 115 -7.70 33.69 -6.87
N GLY A 116 -7.60 34.45 -7.98
CA GLY A 116 -6.34 35.05 -8.39
C GLY A 116 -6.20 36.54 -8.06
N GLY A 117 -6.40 36.91 -6.79
CA GLY A 117 -6.24 38.29 -6.38
C GLY A 117 -5.09 38.45 -5.41
N SER A 118 -5.19 39.43 -4.52
CA SER A 118 -4.08 39.77 -3.65
C SER A 118 -3.59 38.56 -2.86
N GLY A 119 -4.49 37.87 -2.15
CA GLY A 119 -4.07 36.74 -1.33
C GLY A 119 -3.66 35.54 -2.15
N GLY A 120 -4.50 35.16 -3.11
CA GLY A 120 -4.27 33.93 -3.86
C GLY A 120 -3.00 33.95 -4.70
N LEU A 121 -2.76 35.04 -5.46
CA LEU A 121 -1.50 35.15 -6.16
C LEU A 121 -0.32 35.07 -5.19
N ALA A 122 -0.45 35.69 -4.03
CA ALA A 122 0.69 35.70 -3.11
C ALA A 122 0.91 34.32 -2.49
N ALA A 123 -0.16 33.65 -2.10
CA ALA A 123 -0.05 32.29 -1.60
C ALA A 123 0.58 31.37 -2.64
N GLY A 124 0.12 31.47 -3.90
CA GLY A 124 0.56 30.53 -4.92
C GLY A 124 2.04 30.67 -5.27
N LYS A 125 2.51 31.92 -5.44
CA LYS A 125 3.90 32.12 -5.83
C LYS A 125 4.84 31.62 -4.75
N GLU A 126 4.46 31.86 -3.49
CA GLU A 126 5.30 31.44 -2.37
C GLU A 126 5.35 29.91 -2.24
N ALA A 127 4.22 29.23 -2.42
CA ALA A 127 4.21 27.77 -2.37
C ALA A 127 5.13 27.18 -3.43
N ALA A 128 5.04 27.69 -4.66
CA ALA A 128 5.83 27.18 -5.77
C ALA A 128 7.32 27.29 -5.51
N LYS A 129 7.77 28.31 -4.76
CA LYS A 129 9.18 28.47 -4.47
C LYS A 129 9.76 27.25 -3.75
N TYR A 130 8.98 26.57 -2.91
CA TYR A 130 9.47 25.43 -2.14
C TYR A 130 9.08 24.09 -2.76
N GLY A 131 8.86 24.07 -4.07
CA GLY A 131 8.67 22.82 -4.79
C GLY A 131 7.25 22.32 -4.85
N ALA A 132 6.28 23.06 -4.33
CA ALA A 132 4.89 22.62 -4.40
C ALA A 132 4.33 22.82 -5.80
N LYS A 133 3.75 21.76 -6.37
CA LYS A 133 3.08 21.87 -7.66
C LYS A 133 1.74 22.59 -7.48
N THR A 134 1.55 23.70 -8.19
CA THR A 134 0.55 24.69 -7.81
C THR A 134 -0.31 25.11 -9.00
N ALA A 135 -1.62 25.16 -8.78
CA ALA A 135 -2.56 25.75 -9.71
C ALA A 135 -3.25 26.96 -9.07
N VAL A 136 -3.35 28.05 -9.82
CA VAL A 136 -4.10 29.23 -9.41
C VAL A 136 -5.25 29.42 -10.39
N LEU A 137 -6.48 29.48 -9.86
CA LEU A 137 -7.69 29.66 -10.63
C LEU A 137 -8.16 31.10 -10.47
N ASP A 138 -8.53 31.74 -11.57
CA ASP A 138 -9.14 33.07 -11.46
C ASP A 138 -10.15 33.29 -12.57
N TYR A 139 -11.31 33.85 -12.18
CA TYR A 139 -12.39 34.14 -13.12
C TYR A 139 -13.15 35.36 -12.62
N VAL A 140 -13.49 36.26 -13.54
CA VAL A 140 -14.13 37.53 -13.21
C VAL A 140 -15.57 37.49 -13.73
N GLU A 141 -16.52 37.13 -12.88
CA GLU A 141 -17.95 37.33 -13.15
C GLU A 141 -18.20 38.76 -13.62
N PRO A 142 -18.68 38.97 -14.85
CA PRO A 142 -18.98 40.34 -15.30
C PRO A 142 -20.05 41.02 -14.46
N THR A 143 -19.98 42.35 -14.40
CA THR A 143 -20.94 43.17 -13.70
C THR A 143 -22.25 43.17 -14.48
N PRO A 144 -23.34 43.74 -13.92
CA PRO A 144 -24.62 43.76 -14.66
C PRO A 144 -24.56 44.35 -16.05
N ILE A 145 -23.82 45.44 -16.26
CA ILE A 145 -23.68 46.00 -17.61
C ILE A 145 -22.59 45.30 -18.42
N GLY A 146 -21.85 44.38 -17.84
CA GLY A 146 -20.89 43.59 -18.60
C GLY A 146 -19.43 43.90 -18.35
N THR A 147 -19.11 44.80 -17.40
CA THR A 147 -17.72 45.11 -17.13
C THR A 147 -16.98 43.89 -16.63
N THR A 148 -15.77 43.70 -17.15
CA THR A 148 -14.89 42.61 -16.76
C THR A 148 -13.45 43.09 -16.92
N TRP A 149 -12.49 42.36 -16.32
CA TRP A 149 -11.08 42.80 -16.25
C TRP A 149 -10.17 41.60 -16.08
N GLY A 150 -8.87 41.86 -15.83
CA GLY A 150 -7.83 40.86 -15.93
C GLY A 150 -7.36 40.28 -14.59
N LEU A 151 -6.32 39.44 -14.69
CA LEU A 151 -5.78 38.77 -13.52
C LEU A 151 -5.25 39.79 -12.50
N GLY A 152 -5.44 39.47 -11.21
CA GLY A 152 -4.90 40.31 -10.14
C GLY A 152 -5.83 40.66 -8.99
N GLY A 153 -7.16 40.51 -9.20
CA GLY A 153 -8.12 40.75 -8.14
C GLY A 153 -8.59 42.19 -8.05
N THR A 154 -9.32 42.44 -6.95
CA THR A 154 -10.11 43.66 -6.81
C THR A 154 -9.22 44.90 -6.68
N CYS A 155 -8.22 44.85 -5.81
CA CYS A 155 -7.34 46.00 -5.58
C CYS A 155 -6.69 46.48 -6.88
N VAL A 156 -6.09 45.54 -7.62
CA VAL A 156 -5.32 45.85 -8.83
C VAL A 156 -6.22 46.42 -9.93
N ASN A 157 -7.44 45.86 -10.09
CA ASN A 157 -8.29 46.20 -11.24
C ASN A 157 -9.37 47.21 -10.89
N VAL A 158 -9.99 47.11 -9.73
CA VAL A 158 -11.17 47.91 -9.42
C VAL A 158 -11.13 48.40 -7.98
N GLY A 159 -9.92 48.48 -7.39
CA GLY A 159 -9.79 48.93 -6.01
C GLY A 159 -8.65 49.91 -5.75
N CYS A 160 -7.76 49.59 -4.80
CA CYS A 160 -6.72 50.52 -4.35
C CYS A 160 -5.99 51.20 -5.50
N ILE A 161 -5.59 50.44 -6.51
CA ILE A 161 -4.68 50.97 -7.53
C ILE A 161 -5.40 52.00 -8.39
N PRO A 162 -6.48 51.66 -9.11
CA PRO A 162 -7.18 52.72 -9.87
C PRO A 162 -7.71 53.85 -9.01
N LYS A 163 -8.14 53.60 -7.77
CA LYS A 163 -8.76 54.69 -7.02
C LYS A 163 -7.73 55.67 -6.48
N LYS A 164 -6.51 55.22 -6.18
CA LYS A 164 -5.50 56.20 -5.73
C LYS A 164 -4.92 56.99 -6.90
N LEU A 165 -4.82 56.39 -8.08
CA LEU A 165 -4.42 57.15 -9.26
C LEU A 165 -5.42 58.27 -9.54
N MET A 166 -6.72 58.00 -9.34
CA MET A 166 -7.73 59.01 -9.58
C MET A 166 -7.76 60.05 -8.47
N HIS A 167 -7.56 59.60 -7.23
CA HIS A 167 -7.29 60.53 -6.12
C HIS A 167 -6.17 61.49 -6.46
N GLN A 168 -5.05 60.95 -6.98
CA GLN A 168 -3.91 61.79 -7.35
C GLN A 168 -4.30 62.80 -8.42
N ALA A 169 -5.04 62.35 -9.45
CA ALA A 169 -5.55 63.29 -10.43
C ALA A 169 -6.32 64.43 -9.75
N GLY A 170 -7.10 64.10 -8.72
CA GLY A 170 -7.82 65.14 -7.99
C GLY A 170 -6.91 66.06 -7.21
N LEU A 171 -5.89 65.49 -6.55
CA LEU A 171 -4.93 66.32 -5.81
C LEU A 171 -4.22 67.28 -6.73
N LEU A 172 -3.90 66.85 -7.95
CA LEU A 172 -3.18 67.74 -8.84
C LEU A 172 -3.93 69.03 -9.14
N SER A 173 -5.24 69.10 -8.84
CA SER A 173 -5.96 70.35 -9.11
C SER A 173 -5.57 71.44 -8.11
N HIS A 174 -5.37 71.08 -6.83
CA HIS A 174 -4.90 72.08 -5.86
C HIS A 174 -3.43 72.40 -6.04
N ALA A 175 -2.66 71.46 -6.57
CA ALA A 175 -1.29 71.80 -6.97
C ALA A 175 -1.28 72.94 -7.98
N LEU A 176 -2.10 72.83 -9.04
CA LEU A 176 -2.18 73.90 -10.05
C LEU A 176 -2.63 75.22 -9.43
N GLU A 177 -3.59 75.16 -8.50
CA GLU A 177 -3.99 76.33 -7.74
C GLU A 177 -2.82 76.87 -6.92
N ASP A 178 -2.14 75.99 -6.18
CA ASP A 178 -1.06 76.44 -5.31
C ASP A 178 0.12 76.99 -6.08
N ALA A 179 0.25 76.62 -7.37
CA ALA A 179 1.42 77.01 -8.15
C ALA A 179 1.49 78.52 -8.35
N GLU A 180 0.34 79.16 -8.57
CA GLU A 180 0.33 80.61 -8.80
C GLU A 180 0.89 81.36 -7.61
N HIS A 181 0.45 80.99 -6.40
CA HIS A 181 0.93 81.68 -5.22
C HIS A 181 2.43 81.50 -5.03
N PHE A 182 2.99 80.37 -5.48
CA PHE A 182 4.44 80.18 -5.36
C PHE A 182 5.20 80.77 -6.54
N GLY A 183 4.52 81.44 -7.46
CA GLY A 183 5.17 82.23 -8.48
C GLY A 183 5.09 81.74 -9.90
N TRP A 184 4.38 80.64 -10.18
CA TRP A 184 4.22 80.17 -11.55
C TRP A 184 3.09 80.94 -12.24
N SER A 185 3.21 81.07 -13.56
CA SER A 185 2.43 82.02 -14.35
C SER A 185 1.08 81.49 -14.83
N LEU A 186 0.74 80.24 -14.58
CA LEU A 186 -0.50 79.68 -15.10
C LEU A 186 -1.73 80.28 -14.43
N ASP A 187 -2.88 80.12 -15.10
CA ASP A 187 -4.19 80.53 -14.57
C ASP A 187 -5.08 79.30 -14.41
N ARG A 188 -5.26 78.88 -13.15
CA ARG A 188 -6.06 77.68 -12.85
C ARG A 188 -7.44 77.73 -13.48
N SER A 189 -8.09 78.90 -13.45
CA SER A 189 -9.47 78.96 -13.93
C SER A 189 -9.59 78.75 -15.44
N LYS A 190 -8.50 78.63 -16.20
CA LYS A 190 -8.58 78.38 -17.64
C LYS A 190 -8.22 76.93 -18.00
N ILE A 191 -8.19 76.03 -17.02
CA ILE A 191 -7.76 74.66 -17.23
C ILE A 191 -8.88 73.71 -16.84
N SER A 192 -9.10 72.70 -17.67
CA SER A 192 -10.15 71.71 -17.48
C SER A 192 -9.54 70.32 -17.51
N HIS A 193 -10.34 69.33 -17.12
CA HIS A 193 -9.91 67.94 -17.01
C HIS A 193 -10.63 67.09 -18.06
N ASN A 194 -9.89 66.16 -18.67
CA ASN A 194 -10.40 65.24 -19.69
C ASN A 194 -10.46 63.86 -19.06
N TRP A 195 -11.66 63.40 -18.73
CA TRP A 195 -11.83 62.13 -18.05
C TRP A 195 -11.25 60.97 -18.85
N SER A 196 -11.60 60.88 -20.14
CA SER A 196 -11.19 59.69 -20.89
C SER A 196 -9.67 59.62 -21.04
N THR A 197 -8.99 60.76 -21.07
CA THR A 197 -7.52 60.74 -21.10
C THR A 197 -6.97 60.14 -19.82
N MET A 198 -7.59 60.45 -18.68
CA MET A 198 -7.16 59.87 -17.41
C MET A 198 -7.43 58.37 -17.35
N VAL A 199 -8.66 57.95 -17.66
CA VAL A 199 -9.01 56.53 -17.64
C VAL A 199 -8.06 55.74 -18.52
N GLU A 200 -7.70 56.29 -19.69
CA GLU A 200 -6.79 55.58 -20.59
C GLU A 200 -5.44 55.33 -19.92
N GLY A 201 -4.88 56.33 -19.24
CA GLY A 201 -3.61 56.14 -18.56
C GLY A 201 -3.70 55.17 -17.41
N VAL A 202 -4.77 55.27 -16.60
CA VAL A 202 -5.01 54.34 -15.49
C VAL A 202 -5.09 52.91 -16.01
N GLN A 203 -5.90 52.69 -17.06
CA GLN A 203 -6.13 51.33 -17.56
C GLN A 203 -4.89 50.76 -18.21
N SER A 204 -4.05 51.61 -18.81
CA SER A 204 -2.79 51.13 -19.36
C SER A 204 -1.87 50.66 -18.25
N HIS A 205 -1.86 51.35 -17.09
CA HIS A 205 -1.05 50.84 -15.98
C HIS A 205 -1.64 49.54 -15.43
N ILE A 206 -2.96 49.48 -15.27
CA ILE A 206 -3.59 48.25 -14.81
C ILE A 206 -3.26 47.10 -15.77
N GLY A 207 -3.30 47.37 -17.07
CA GLY A 207 -2.97 46.33 -18.04
C GLY A 207 -1.57 45.80 -17.85
N SER A 208 -0.63 46.69 -17.50
CA SER A 208 0.74 46.22 -17.28
C SER A 208 0.85 45.41 -15.99
N LEU A 209 -0.04 45.61 -15.03
CA LEU A 209 -0.05 44.71 -13.87
C LEU A 209 -0.61 43.34 -14.24
N ASN A 210 -1.75 43.30 -14.94
CA ASN A 210 -2.29 42.04 -15.46
C ASN A 210 -1.20 41.21 -16.12
N TRP A 211 -0.46 41.82 -17.05
CA TRP A 211 0.57 41.08 -17.77
C TRP A 211 1.68 40.62 -16.82
N GLY A 212 2.09 41.51 -15.91
CA GLY A 212 3.17 41.16 -15.00
C GLY A 212 2.86 39.97 -14.12
N TYR A 213 1.58 39.83 -13.71
CA TYR A 213 1.20 38.68 -12.89
C TYR A 213 1.22 37.38 -13.68
N LYS A 214 0.72 37.40 -14.93
CA LYS A 214 0.79 36.20 -15.77
C LYS A 214 2.23 35.77 -15.98
N VAL A 215 3.14 36.73 -16.20
CA VAL A 215 4.55 36.39 -16.38
C VAL A 215 5.12 35.83 -15.09
N ALA A 216 4.72 36.37 -13.95
CA ALA A 216 5.27 35.89 -12.68
C ALA A 216 4.85 34.45 -12.40
N LEU A 217 3.60 34.09 -12.70
CA LEU A 217 3.18 32.71 -12.47
C LEU A 217 3.94 31.76 -13.38
N ARG A 218 4.11 32.14 -14.64
CA ARG A 218 4.86 31.30 -15.57
C ARG A 218 6.32 31.15 -15.12
N ASP A 219 6.97 32.23 -14.69
CA ASP A 219 8.36 32.09 -14.26
C ASP A 219 8.53 31.31 -12.95
N ASN A 220 7.45 31.05 -12.21
CA ASN A 220 7.49 30.21 -11.02
C ASN A 220 6.91 28.81 -11.25
N GLN A 221 6.54 28.48 -12.49
CA GLN A 221 5.99 27.15 -12.81
C GLN A 221 4.65 26.94 -12.09
N VAL A 222 3.85 27.99 -12.00
CA VAL A 222 2.49 27.91 -11.49
C VAL A 222 1.54 27.76 -12.66
N THR A 223 0.60 26.83 -12.55
CA THR A 223 -0.40 26.66 -13.61
C THR A 223 -1.50 27.68 -13.41
N TYR A 224 -1.67 28.59 -14.37
CA TYR A 224 -2.75 29.56 -14.32
C TYR A 224 -3.91 29.12 -15.21
N LEU A 225 -5.06 28.87 -14.60
CA LEU A 225 -6.27 28.51 -15.33
C LEU A 225 -7.26 29.65 -15.21
N ASN A 226 -7.66 30.22 -16.35
CA ASN A 226 -8.68 31.27 -16.36
C ASN A 226 -10.06 30.60 -16.40
N ALA A 227 -10.41 29.99 -15.27
CA ALA A 227 -11.62 29.21 -15.14
C ALA A 227 -12.19 29.41 -13.73
N LYS A 228 -13.51 29.25 -13.61
CA LYS A 228 -14.18 29.38 -12.32
C LYS A 228 -14.14 28.05 -11.58
N GLY A 229 -13.76 28.09 -10.30
CA GLY A 229 -13.53 26.89 -9.52
C GLY A 229 -14.64 26.65 -8.52
N ARG A 230 -14.87 25.37 -8.20
CA ARG A 230 -15.89 24.99 -7.23
C ARG A 230 -15.42 23.75 -6.49
N LEU A 231 -15.39 23.83 -5.16
CA LEU A 231 -14.89 22.73 -4.33
C LEU A 231 -16.02 21.75 -4.07
N ILE A 232 -15.98 20.58 -4.73
CA ILE A 232 -17.08 19.64 -4.58
C ILE A 232 -16.81 18.60 -3.50
N SER A 233 -15.56 18.41 -3.11
CA SER A 233 -15.18 17.51 -2.03
C SER A 233 -13.82 17.95 -1.53
N PRO A 234 -13.39 17.49 -0.34
CA PRO A 234 -12.16 18.05 0.27
C PRO A 234 -10.95 18.16 -0.65
N HIS A 235 -10.82 17.28 -1.64
CA HIS A 235 -9.67 17.33 -2.55
C HIS A 235 -10.08 17.52 -4.01
N GLU A 236 -11.35 17.78 -4.30
CA GLU A 236 -11.83 17.79 -5.68
C GLU A 236 -12.37 19.16 -6.04
N VAL A 237 -11.77 19.77 -7.07
CA VAL A 237 -12.20 21.08 -7.54
C VAL A 237 -12.76 20.93 -8.94
N GLN A 238 -14.01 21.35 -9.10
CA GLN A 238 -14.68 21.41 -10.39
C GLN A 238 -14.35 22.74 -11.05
N ILE A 239 -13.82 22.68 -12.28
CA ILE A 239 -13.47 23.86 -13.07
C ILE A 239 -14.41 23.96 -14.28
N THR A 240 -14.78 25.19 -14.62
CA THR A 240 -15.51 25.48 -15.86
C THR A 240 -14.75 26.59 -16.59
N ASP A 241 -14.35 26.32 -17.85
CA ASP A 241 -13.51 27.25 -18.59
C ASP A 241 -14.37 28.18 -19.47
N LYS A 242 -13.72 28.94 -20.36
CA LYS A 242 -14.41 29.98 -21.13
C LYS A 242 -15.20 29.42 -22.31
N ASN A 243 -15.30 28.10 -22.44
CA ASN A 243 -16.19 27.44 -23.38
C ASN A 243 -17.24 26.58 -22.67
N GLN A 244 -17.39 26.75 -21.36
CA GLN A 244 -18.27 25.95 -20.52
C GLN A 244 -17.87 24.47 -20.49
N LYS A 245 -16.62 24.16 -20.83
CA LYS A 245 -16.14 22.80 -20.65
C LYS A 245 -15.90 22.53 -19.17
N VAL A 246 -16.40 21.42 -18.66
CA VAL A 246 -16.34 21.11 -17.24
C VAL A 246 -15.41 19.92 -17.03
N SER A 247 -14.56 20.02 -16.02
CA SER A 247 -13.65 18.94 -15.67
C SER A 247 -13.28 19.07 -14.19
N THR A 248 -12.48 18.12 -13.69
CA THR A 248 -12.19 18.01 -12.26
C THR A 248 -10.69 17.84 -12.06
N ILE A 249 -10.13 18.63 -11.16
CA ILE A 249 -8.73 18.50 -10.77
C ILE A 249 -8.69 18.26 -9.27
N THR A 250 -7.68 17.53 -8.82
CA THR A 250 -7.48 17.25 -7.41
C THR A 250 -6.26 17.99 -6.88
N GLY A 251 -6.30 18.30 -5.59
CA GLY A 251 -5.15 18.85 -4.91
C GLY A 251 -5.09 18.39 -3.47
N ASN A 252 -3.88 18.35 -2.93
CA ASN A 252 -3.70 18.00 -1.52
C ASN A 252 -4.21 19.11 -0.60
N LYS A 253 -3.64 20.32 -0.70
CA LYS A 253 -4.09 21.47 0.08
C LYS A 253 -4.89 22.42 -0.80
N ILE A 254 -5.95 23.00 -0.22
CA ILE A 254 -6.84 23.92 -0.91
C ILE A 254 -6.83 25.23 -0.16
N ILE A 255 -6.58 26.34 -0.87
CA ILE A 255 -6.68 27.69 -0.30
C ILE A 255 -7.81 28.43 -1.00
N LEU A 256 -8.81 28.85 -0.22
CA LEU A 256 -9.91 29.66 -0.73
C LEU A 256 -9.56 31.14 -0.59
N ALA A 257 -9.66 31.88 -1.70
CA ALA A 257 -9.27 33.28 -1.74
C ALA A 257 -10.05 33.99 -2.83
N THR A 258 -11.39 33.96 -2.73
CA THR A 258 -12.25 34.40 -3.81
C THR A 258 -12.79 35.81 -3.63
N GLY A 259 -12.55 36.44 -2.47
CA GLY A 259 -12.94 37.83 -2.24
C GLY A 259 -14.45 38.10 -2.20
N GLU A 260 -14.79 39.36 -2.47
CA GLU A 260 -16.16 39.85 -2.42
C GLU A 260 -16.48 40.62 -3.69
N ARG A 261 -17.74 41.04 -3.81
CA ARG A 261 -18.22 41.89 -4.89
C ARG A 261 -19.20 42.90 -4.32
N PRO A 262 -19.48 44.00 -5.03
CA PRO A 262 -20.39 45.04 -4.50
C PRO A 262 -21.83 44.56 -4.33
N LYS A 263 -22.48 45.04 -3.26
CA LYS A 263 -23.92 44.84 -3.09
C LYS A 263 -24.72 45.94 -3.77
N TYR A 264 -25.95 45.59 -4.15
CA TYR A 264 -27.00 46.47 -4.65
C TYR A 264 -28.18 46.52 -3.68
N PRO A 265 -28.74 47.69 -3.42
CA PRO A 265 -29.97 47.73 -2.61
C PRO A 265 -31.14 47.16 -3.40
N GLU A 266 -32.09 46.58 -2.67
CA GLU A 266 -33.24 45.90 -3.26
C GLU A 266 -34.35 46.92 -3.58
N ILE A 267 -34.05 47.79 -4.53
CA ILE A 267 -35.01 48.81 -4.98
C ILE A 267 -35.12 48.73 -6.50
N PRO A 268 -36.23 49.22 -7.06
CA PRO A 268 -36.41 49.15 -8.52
C PRO A 268 -35.45 50.08 -9.24
N GLY A 269 -34.89 49.59 -10.36
CA GLY A 269 -34.01 50.40 -11.17
C GLY A 269 -32.54 50.36 -10.80
N ALA A 270 -32.18 49.81 -9.62
CA ALA A 270 -30.80 49.88 -9.17
C ALA A 270 -29.86 49.12 -10.12
N VAL A 271 -30.09 47.81 -10.25
CA VAL A 271 -29.28 46.97 -11.13
C VAL A 271 -29.34 47.47 -12.57
N GLU A 272 -30.50 47.92 -12.99
CA GLU A 272 -30.70 48.25 -14.39
C GLU A 272 -29.95 49.54 -14.75
N TYR A 273 -30.02 50.57 -13.90
CA TYR A 273 -29.61 51.90 -14.31
C TYR A 273 -28.46 52.52 -13.51
N GLY A 274 -28.16 52.01 -12.32
CA GLY A 274 -26.97 52.46 -11.61
C GLY A 274 -25.73 51.59 -11.89
N ILE A 275 -24.60 52.04 -11.36
CA ILE A 275 -23.33 51.33 -11.46
C ILE A 275 -22.72 51.19 -10.07
N THR A 276 -21.62 50.44 -10.00
CA THR A 276 -20.80 50.40 -8.80
C THR A 276 -19.35 50.75 -9.15
N SER A 277 -18.50 50.71 -8.12
CA SER A 277 -17.08 50.95 -8.30
C SER A 277 -16.46 49.95 -9.27
N ASP A 278 -16.94 48.70 -9.28
CA ASP A 278 -16.50 47.72 -10.28
C ASP A 278 -16.53 48.30 -11.70
N ASP A 279 -17.50 49.16 -11.99
CA ASP A 279 -17.65 49.77 -13.32
C ASP A 279 -16.92 51.10 -13.45
N LEU A 280 -16.80 51.85 -12.34
CA LEU A 280 -16.39 53.26 -12.44
C LEU A 280 -15.00 53.41 -13.01
N PHE A 281 -14.09 52.52 -12.64
CA PHE A 281 -12.69 52.76 -12.96
C PHE A 281 -12.32 52.51 -14.42
N SER A 282 -13.24 52.01 -15.26
CA SER A 282 -13.02 51.91 -16.70
C SER A 282 -14.16 52.51 -17.50
N LEU A 283 -14.93 53.42 -16.90
CA LEU A 283 -16.11 53.98 -17.56
C LEU A 283 -15.70 54.81 -18.77
N PRO A 284 -16.24 54.52 -19.96
CA PRO A 284 -15.80 55.26 -21.16
C PRO A 284 -16.21 56.73 -21.21
N TYR A 285 -17.14 57.20 -20.38
CA TYR A 285 -17.58 58.60 -20.42
C TYR A 285 -17.54 59.19 -19.02
N PHE A 286 -17.38 60.50 -18.94
CA PHE A 286 -17.39 61.16 -17.64
C PHE A 286 -18.75 60.96 -16.99
N PRO A 287 -18.82 60.61 -15.70
CA PRO A 287 -20.13 60.38 -15.07
C PRO A 287 -21.06 61.58 -15.12
N GLY A 288 -20.52 62.81 -15.12
CA GLY A 288 -21.33 64.00 -15.03
C GLY A 288 -21.95 64.15 -13.65
N LYS A 289 -23.14 64.76 -13.62
CA LYS A 289 -23.82 64.94 -12.34
C LYS A 289 -24.14 63.58 -11.73
N THR A 290 -23.63 63.36 -10.51
CA THR A 290 -23.50 62.04 -9.94
C THR A 290 -24.09 62.01 -8.54
N LEU A 291 -24.82 60.95 -8.26
CA LEU A 291 -25.28 60.63 -6.92
C LEU A 291 -24.51 59.40 -6.44
N VAL A 292 -23.82 59.53 -5.32
CA VAL A 292 -23.20 58.40 -4.65
C VAL A 292 -24.07 58.03 -3.47
N ILE A 293 -24.48 56.76 -3.41
CA ILE A 293 -25.38 56.28 -2.36
C ILE A 293 -24.56 55.38 -1.45
N GLY A 294 -24.36 55.82 -0.22
CA GLY A 294 -23.49 55.11 0.71
C GLY A 294 -22.64 56.08 1.49
N ALA A 295 -21.93 55.58 2.50
CA ALA A 295 -21.08 56.45 3.31
C ALA A 295 -19.81 55.73 3.76
N SER A 296 -19.49 54.60 3.15
CA SER A 296 -18.26 53.89 3.43
C SER A 296 -17.07 54.65 2.84
N TYR A 297 -15.87 54.14 3.10
CA TYR A 297 -14.69 54.77 2.55
C TYR A 297 -14.69 54.74 1.02
N VAL A 298 -15.21 53.67 0.41
CA VAL A 298 -15.34 53.60 -1.04
C VAL A 298 -16.18 54.78 -1.55
N ALA A 299 -17.36 54.97 -0.96
CA ALA A 299 -18.27 56.03 -1.36
C ALA A 299 -17.63 57.40 -1.21
N LEU A 300 -17.03 57.67 -0.04
CA LEU A 300 -16.44 58.99 0.19
C LEU A 300 -15.23 59.22 -0.71
N GLU A 301 -14.43 58.17 -0.94
CA GLU A 301 -13.23 58.34 -1.77
C GLU A 301 -13.61 58.68 -3.19
N CYS A 302 -14.59 57.95 -3.75
CA CYS A 302 -15.00 58.19 -5.14
C CYS A 302 -15.66 59.57 -5.29
N ALA A 303 -16.63 59.89 -4.43
CA ALA A 303 -17.22 61.23 -4.47
C ALA A 303 -16.16 62.30 -4.38
N GLY A 304 -15.13 62.04 -3.58
CA GLY A 304 -14.08 63.02 -3.36
C GLY A 304 -13.30 63.37 -4.61
N PHE A 305 -12.85 62.36 -5.36
CA PHE A 305 -12.08 62.77 -6.54
C PHE A 305 -12.98 63.18 -7.69
N LEU A 306 -14.21 62.64 -7.78
CA LEU A 306 -15.13 63.14 -8.79
C LEU A 306 -15.31 64.64 -8.67
N ALA A 307 -15.36 65.13 -7.42
CA ALA A 307 -15.57 66.55 -7.19
C ALA A 307 -14.33 67.35 -7.54
N SER A 308 -13.15 66.85 -7.16
CA SER A 308 -11.91 67.53 -7.50
C SER A 308 -11.72 67.64 -9.01
N LEU A 309 -12.23 66.66 -9.77
CA LEU A 309 -12.10 66.67 -11.23
C LEU A 309 -13.18 67.52 -11.93
N GLY A 310 -13.96 68.32 -11.19
CA GLY A 310 -14.92 69.21 -11.81
C GLY A 310 -16.37 68.76 -11.76
N GLY A 311 -16.68 67.62 -11.13
CA GLY A 311 -18.02 67.10 -11.18
C GLY A 311 -18.96 67.68 -10.12
N ASP A 312 -20.25 67.64 -10.43
CA ASP A 312 -21.34 68.00 -9.53
C ASP A 312 -21.76 66.73 -8.81
N VAL A 313 -21.43 66.63 -7.52
CA VAL A 313 -21.48 65.38 -6.80
C VAL A 313 -22.34 65.52 -5.55
N THR A 314 -23.13 64.49 -5.27
CA THR A 314 -23.93 64.42 -4.06
C THR A 314 -23.77 63.03 -3.43
N VAL A 315 -23.70 62.99 -2.10
CA VAL A 315 -23.66 61.73 -1.36
C VAL A 315 -24.93 61.63 -0.51
N MET A 316 -25.59 60.48 -0.60
CA MET A 316 -26.81 60.19 0.16
C MET A 316 -26.45 59.27 1.32
N VAL A 317 -26.51 59.82 2.54
CA VAL A 317 -26.04 59.16 3.75
C VAL A 317 -27.25 58.66 4.54
N ARG A 318 -27.35 57.34 4.69
CA ARG A 318 -28.44 56.75 5.47
C ARG A 318 -28.42 57.26 6.92
N SER A 319 -27.29 57.08 7.61
CA SER A 319 -27.14 57.48 9.01
C SER A 319 -25.83 58.25 9.26
N ILE A 320 -24.71 57.55 9.38
CA ILE A 320 -23.44 58.19 9.70
C ILE A 320 -22.38 57.89 8.64
N LEU A 321 -21.33 58.72 8.63
CA LEU A 321 -20.14 58.51 7.80
C LEU A 321 -19.17 57.54 8.45
N LEU A 322 -18.60 56.65 7.65
CA LEU A 322 -17.52 55.76 8.08
C LEU A 322 -17.87 55.05 9.39
N ARG A 323 -18.97 54.30 9.36
CA ARG A 323 -19.32 53.46 10.49
C ARG A 323 -18.18 52.50 10.77
N GLY A 324 -17.75 52.46 12.03
CA GLY A 324 -16.65 51.62 12.43
C GLY A 324 -15.34 52.34 12.65
N PHE A 325 -15.15 53.48 11.99
CA PHE A 325 -14.01 54.35 12.28
C PHE A 325 -14.37 55.37 13.38
N ASP A 326 -13.33 55.93 14.01
CA ASP A 326 -13.47 57.03 14.97
C ASP A 326 -14.35 58.16 14.40
N GLN A 327 -15.46 58.46 15.10
CA GLN A 327 -16.51 59.31 14.54
C GLN A 327 -16.18 60.80 14.57
N GLN A 328 -15.35 61.26 15.51
CA GLN A 328 -14.87 62.63 15.42
C GLN A 328 -14.05 62.83 14.14
N MET A 329 -13.19 61.86 13.82
CA MET A 329 -12.39 61.98 12.60
C MET A 329 -13.28 61.85 11.36
N ALA A 330 -14.23 60.91 11.37
CA ALA A 330 -15.16 60.78 10.24
C ALA A 330 -15.85 62.11 9.93
N GLU A 331 -16.28 62.83 10.98
CA GLU A 331 -17.00 64.08 10.78
C GLU A 331 -16.07 65.18 10.24
N LYS A 332 -14.85 65.24 10.74
CA LYS A 332 -13.89 66.19 10.17
C LYS A 332 -13.62 65.88 8.69
N VAL A 333 -13.51 64.59 8.35
CA VAL A 333 -13.39 64.18 6.95
C VAL A 333 -14.57 64.68 6.15
N GLY A 334 -15.79 64.45 6.69
CA GLY A 334 -17.00 64.87 6.01
C GLY A 334 -17.07 66.38 5.83
N ASP A 335 -16.77 67.12 6.90
CA ASP A 335 -16.86 68.58 6.85
C ASP A 335 -15.94 69.17 5.81
N TYR A 336 -14.69 68.68 5.73
CA TYR A 336 -13.77 69.18 4.72
C TYR A 336 -14.34 68.97 3.31
N MET A 337 -14.87 67.77 3.02
CA MET A 337 -15.44 67.51 1.70
C MET A 337 -16.61 68.46 1.40
N GLU A 338 -17.46 68.72 2.39
CA GLU A 338 -18.60 69.59 2.15
C GLU A 338 -18.16 71.04 1.95
N ASN A 339 -17.05 71.44 2.58
CA ASN A 339 -16.53 72.79 2.35
C ASN A 339 -15.83 72.92 1.02
N HIS A 340 -15.51 71.80 0.36
CA HIS A 340 -14.81 71.83 -0.92
C HIS A 340 -15.66 71.24 -2.05
N GLY A 341 -16.99 71.43 -1.98
CA GLY A 341 -17.85 71.20 -3.13
C GLY A 341 -18.52 69.84 -3.28
N VAL A 342 -18.57 69.01 -2.23
CA VAL A 342 -19.40 67.80 -2.24
C VAL A 342 -20.68 68.09 -1.47
N LYS A 343 -21.82 67.83 -2.07
CA LYS A 343 -23.09 68.03 -1.36
C LYS A 343 -23.50 66.75 -0.64
N PHE A 344 -24.17 66.91 0.49
CA PHE A 344 -24.63 65.78 1.26
C PHE A 344 -26.15 65.83 1.45
N ALA A 345 -26.79 64.67 1.29
CA ALA A 345 -28.20 64.48 1.63
C ALA A 345 -28.23 63.50 2.80
N LYS A 346 -28.37 64.06 4.00
CA LYS A 346 -28.20 63.34 5.26
C LYS A 346 -29.49 62.70 5.74
N LEU A 347 -29.35 61.54 6.38
CA LEU A 347 -30.46 60.77 6.93
C LEU A 347 -31.50 60.46 5.83
N CYS A 348 -31.01 59.81 4.77
CA CYS A 348 -31.78 59.68 3.54
C CYS A 348 -31.48 58.34 2.89
N VAL A 349 -32.48 57.74 2.25
CA VAL A 349 -32.32 56.45 1.58
C VAL A 349 -33.07 56.46 0.25
N PRO A 350 -32.58 55.70 -0.71
CA PRO A 350 -33.22 55.66 -2.02
C PRO A 350 -34.45 54.75 -2.05
N ASP A 351 -35.45 55.16 -2.84
CA ASP A 351 -36.64 54.32 -3.03
C ASP A 351 -36.74 53.68 -4.42
N GLU A 352 -36.32 54.40 -5.47
CA GLU A 352 -36.29 53.82 -6.81
C GLU A 352 -35.48 54.72 -7.72
N ILE A 353 -34.92 54.11 -8.77
CA ILE A 353 -34.28 54.82 -9.87
C ILE A 353 -35.13 54.62 -11.12
N LYS A 354 -35.47 55.72 -11.79
CA LYS A 354 -36.21 55.69 -13.04
C LYS A 354 -35.36 56.26 -14.16
N GLN A 355 -35.47 55.66 -15.35
CA GLN A 355 -34.63 56.02 -16.49
C GLN A 355 -35.31 57.06 -17.37
N LEU A 356 -34.66 58.21 -17.54
CA LEU A 356 -35.12 59.28 -18.43
C LEU A 356 -34.40 59.31 -19.76
N LYS A 357 -33.11 58.96 -19.81
CA LYS A 357 -32.36 58.73 -21.05
C LYS A 357 -31.53 57.46 -20.94
N VAL A 358 -31.52 56.69 -22.03
CA VAL A 358 -30.62 55.56 -22.16
C VAL A 358 -29.20 56.10 -22.40
N VAL A 359 -28.22 55.34 -21.90
CA VAL A 359 -26.81 55.71 -22.12
C VAL A 359 -26.52 55.77 -23.61
N ASP A 360 -25.97 56.90 -24.04
CA ASP A 360 -25.58 57.19 -25.43
C ASP A 360 -24.21 56.58 -25.71
N THR A 361 -24.21 55.27 -26.00
CA THR A 361 -22.94 54.59 -26.23
C THR A 361 -22.22 55.10 -27.48
N GLU A 362 -22.95 55.64 -28.46
CA GLU A 362 -22.31 56.11 -29.69
C GLU A 362 -21.49 57.35 -29.41
N ASN A 363 -22.15 58.47 -29.08
CA ASN A 363 -21.47 59.74 -28.79
C ASN A 363 -20.80 59.77 -27.42
N ASN A 364 -20.78 58.64 -26.69
CA ASN A 364 -19.98 58.54 -25.47
C ASN A 364 -20.47 59.46 -24.36
N LYS A 365 -21.73 59.31 -23.97
CA LYS A 365 -22.36 60.19 -23.01
C LYS A 365 -23.15 59.35 -22.01
N PRO A 366 -23.25 59.81 -20.76
CA PRO A 366 -24.14 59.14 -19.81
C PRO A 366 -25.60 59.32 -20.20
N GLY A 367 -26.46 58.50 -19.61
CA GLY A 367 -27.89 58.71 -19.75
C GLY A 367 -28.43 59.80 -18.84
N LEU A 368 -29.65 59.60 -18.32
CA LEU A 368 -30.28 60.53 -17.39
C LEU A 368 -31.26 59.75 -16.53
N LEU A 369 -31.22 59.98 -15.22
CA LEU A 369 -32.02 59.19 -14.27
C LEU A 369 -32.78 60.11 -13.32
N LEU A 370 -33.93 59.63 -12.87
CA LEU A 370 -34.69 60.29 -11.83
C LEU A 370 -34.59 59.44 -10.56
N VAL A 371 -34.10 60.02 -9.47
CA VAL A 371 -33.96 59.33 -8.21
C VAL A 371 -35.01 59.86 -7.23
N LYS A 372 -35.72 58.95 -6.58
CA LYS A 372 -36.73 59.28 -5.58
C LYS A 372 -36.41 58.56 -4.29
N GLY A 373 -36.45 59.29 -3.17
CA GLY A 373 -36.24 58.69 -1.86
C GLY A 373 -36.94 59.41 -0.72
N HIS A 374 -36.48 59.18 0.51
CA HIS A 374 -37.08 59.87 1.65
C HIS A 374 -36.09 59.99 2.80
N TYR A 375 -36.24 61.07 3.56
CA TYR A 375 -35.49 61.35 4.78
C TYR A 375 -36.11 60.61 5.97
N THR A 376 -35.30 60.42 7.03
CA THR A 376 -35.77 59.60 8.14
C THR A 376 -37.03 60.16 8.79
N ASP A 377 -37.28 61.46 8.67
CA ASP A 377 -38.49 62.08 9.20
C ASP A 377 -39.67 61.97 8.25
N GLY A 378 -39.50 61.35 7.08
CA GLY A 378 -40.57 61.13 6.14
C GLY A 378 -40.62 62.10 4.97
N LYS A 379 -40.00 63.27 5.08
CA LYS A 379 -39.96 64.18 3.93
C LYS A 379 -39.39 63.47 2.70
N LYS A 380 -39.64 64.05 1.53
CA LYS A 380 -39.38 63.36 0.28
C LYS A 380 -38.11 63.86 -0.38
N PHE A 381 -37.39 62.95 -1.03
CA PHE A 381 -36.26 63.26 -1.89
C PHE A 381 -36.60 62.91 -3.33
N GLU A 382 -36.40 63.86 -4.24
CA GLU A 382 -36.59 63.63 -5.67
C GLU A 382 -35.66 64.55 -6.45
N GLU A 383 -34.82 63.98 -7.31
CA GLU A 383 -33.79 64.75 -8.00
C GLU A 383 -33.28 63.96 -9.20
N GLU A 384 -32.79 64.69 -10.22
CA GLU A 384 -32.22 64.11 -11.43
C GLU A 384 -30.69 64.00 -11.37
N PHE A 385 -30.14 62.89 -11.90
CA PHE A 385 -28.69 62.71 -12.01
C PHE A 385 -28.35 61.96 -13.30
N GLU A 386 -27.16 62.21 -13.82
CA GLU A 386 -26.69 61.47 -14.99
C GLU A 386 -26.15 60.09 -14.63
N THR A 387 -25.52 59.94 -13.46
CA THR A 387 -24.95 58.67 -13.00
C THR A 387 -25.29 58.42 -11.54
N VAL A 388 -25.64 57.18 -11.19
CA VAL A 388 -25.92 56.81 -9.80
C VAL A 388 -24.98 55.69 -9.40
N ILE A 389 -24.12 55.95 -8.39
CA ILE A 389 -23.14 54.98 -7.94
C ILE A 389 -23.53 54.43 -6.58
N PHE A 390 -23.71 53.11 -6.52
CA PHE A 390 -24.03 52.41 -5.28
C PHE A 390 -22.75 51.95 -4.61
N ALA A 391 -22.51 52.43 -3.37
CA ALA A 391 -21.44 51.97 -2.52
C ALA A 391 -22.04 51.62 -1.16
N VAL A 392 -22.77 50.51 -1.10
CA VAL A 392 -23.50 50.15 0.11
C VAL A 392 -22.98 48.85 0.69
N GLY A 393 -21.71 48.57 0.45
CA GLY A 393 -21.04 47.42 1.04
C GLY A 393 -20.72 46.36 0.01
N ARG A 394 -20.02 45.34 0.49
CA ARG A 394 -19.53 44.24 -0.32
C ARG A 394 -19.80 42.93 0.41
N GLU A 395 -19.90 41.85 -0.35
CA GLU A 395 -20.23 40.56 0.25
C GLU A 395 -19.61 39.44 -0.58
N PRO A 396 -19.27 38.32 0.05
CA PRO A 396 -18.88 37.14 -0.71
C PRO A 396 -20.10 36.40 -1.20
N GLN A 397 -19.87 35.42 -2.07
CA GLN A 397 -20.95 34.52 -2.46
C GLN A 397 -20.35 33.11 -2.55
N LEU A 398 -20.07 32.52 -1.39
CA LEU A 398 -19.40 31.23 -1.38
C LEU A 398 -20.28 30.09 -1.88
N SER A 399 -21.59 30.33 -2.02
CA SER A 399 -22.47 29.32 -2.61
C SER A 399 -22.05 28.94 -4.03
N LYS A 400 -21.50 29.88 -4.79
CA LYS A 400 -20.96 29.59 -6.12
C LYS A 400 -19.53 29.04 -6.08
N VAL A 401 -19.05 28.65 -4.91
CA VAL A 401 -17.66 28.23 -4.73
C VAL A 401 -17.60 26.92 -3.95
N LEU A 402 -18.58 26.69 -3.09
CA LEU A 402 -18.50 25.71 -2.01
C LEU A 402 -19.76 24.86 -1.97
N CYS A 403 -19.70 23.64 -2.50
CA CYS A 403 -20.79 22.72 -2.30
C CYS A 403 -21.00 22.50 -0.81
N GLU A 404 -22.24 22.65 -0.35
CA GLU A 404 -22.54 22.65 1.09
C GLU A 404 -22.06 21.36 1.77
N THR A 405 -22.15 20.23 1.06
CA THR A 405 -21.80 18.95 1.63
C THR A 405 -20.31 18.81 1.93
N VAL A 406 -19.48 19.76 1.51
CA VAL A 406 -18.04 19.62 1.72
C VAL A 406 -17.71 19.73 3.21
N GLY A 407 -18.44 20.56 3.95
CA GLY A 407 -18.23 20.69 5.37
C GLY A 407 -17.53 21.96 5.85
N VAL A 408 -17.37 22.97 4.99
CA VAL A 408 -16.71 24.21 5.40
C VAL A 408 -17.74 25.09 6.11
N LYS A 409 -17.54 25.30 7.42
CA LYS A 409 -18.48 26.11 8.22
C LYS A 409 -18.37 27.58 7.86
N LEU A 410 -19.52 28.27 7.83
CA LEU A 410 -19.58 29.71 7.57
C LEU A 410 -20.26 30.43 8.73
N ASP A 411 -19.86 31.68 8.96
CA ASP A 411 -20.57 32.54 9.90
C ASP A 411 -21.82 33.13 9.21
N LYS A 412 -22.58 33.93 9.98
CA LYS A 412 -23.89 34.43 9.54
C LYS A 412 -23.80 35.40 8.37
N ASN A 413 -22.61 35.95 8.09
CA ASN A 413 -22.41 36.86 6.98
C ASN A 413 -21.95 36.16 5.71
N GLY A 414 -21.72 34.86 5.75
CA GLY A 414 -21.24 34.15 4.58
C GLY A 414 -19.73 34.03 4.48
N ARG A 415 -19.00 34.27 5.57
CA ARG A 415 -17.55 34.23 5.57
C ARG A 415 -17.08 32.97 6.30
N VAL A 416 -15.86 32.54 6.01
CA VAL A 416 -15.37 31.23 6.45
C VAL A 416 -14.81 31.33 7.86
N VAL A 417 -15.32 30.51 8.77
CA VAL A 417 -14.79 30.47 10.12
C VAL A 417 -13.47 29.70 10.10
N CYS A 418 -12.39 30.34 10.56
CA CYS A 418 -11.05 29.76 10.51
C CYS A 418 -10.38 29.84 11.87
N THR A 419 -9.50 28.88 12.12
CA THR A 419 -8.62 28.95 13.28
C THR A 419 -7.55 30.02 13.04
N ASP A 420 -6.71 30.26 14.05
CA ASP A 420 -5.79 31.37 13.88
C ASP A 420 -4.64 31.04 12.94
N ASP A 421 -4.71 29.91 12.24
CA ASP A 421 -3.75 29.58 11.20
C ASP A 421 -4.42 29.42 9.85
N GLU A 422 -5.58 30.06 9.70
CA GLU A 422 -6.38 30.09 8.47
C GLU A 422 -7.02 28.75 8.14
N GLN A 423 -6.93 27.74 9.02
CA GLN A 423 -7.55 26.45 8.72
C GLN A 423 -9.07 26.52 8.93
N THR A 424 -9.82 26.00 7.95
CA THR A 424 -11.27 25.85 8.06
C THR A 424 -11.61 24.59 8.85
N THR A 425 -12.89 24.25 8.91
CA THR A 425 -13.35 23.04 9.60
C THR A 425 -13.00 21.76 8.84
N VAL A 426 -12.55 21.85 7.59
CA VAL A 426 -12.03 20.71 6.84
C VAL A 426 -10.50 20.80 6.85
N SER A 427 -9.84 19.77 7.37
CA SER A 427 -8.46 19.88 7.83
C SER A 427 -7.46 20.25 6.72
N ASN A 428 -7.76 20.02 5.45
CA ASN A 428 -6.83 20.36 4.39
C ASN A 428 -7.25 21.59 3.58
N VAL A 429 -8.32 22.28 3.99
CA VAL A 429 -8.81 23.48 3.31
C VAL A 429 -8.52 24.69 4.19
N TYR A 430 -7.98 25.74 3.59
CA TYR A 430 -7.72 26.98 4.30
C TYR A 430 -8.40 28.11 3.57
N ALA A 431 -8.48 29.27 4.24
CA ALA A 431 -9.11 30.46 3.67
C ALA A 431 -8.30 31.68 4.09
N ILE A 432 -8.11 32.61 3.14
CA ILE A 432 -7.34 33.84 3.36
C ILE A 432 -8.03 35.02 2.67
N GLY A 433 -7.68 36.22 3.10
CA GLY A 433 -8.19 37.40 2.44
C GLY A 433 -9.55 37.82 2.98
N ASP A 434 -10.33 38.49 2.13
CA ASP A 434 -11.57 39.13 2.60
C ASP A 434 -12.61 38.10 3.11
N ILE A 435 -12.58 36.85 2.64
CA ILE A 435 -13.60 35.91 3.08
C ILE A 435 -13.28 35.24 4.42
N ASN A 436 -12.10 35.46 4.98
CA ASN A 436 -11.76 34.96 6.31
C ASN A 436 -12.51 35.80 7.36
N ALA A 437 -13.48 35.19 8.05
CA ALA A 437 -14.36 35.92 8.95
C ALA A 437 -13.61 36.66 10.05
N GLY A 438 -14.05 37.89 10.35
CA GLY A 438 -13.50 38.67 11.45
C GLY A 438 -12.15 39.33 11.21
N LYS A 439 -11.56 39.20 10.02
CA LYS A 439 -10.25 39.79 9.77
C LYS A 439 -10.39 41.13 9.05
N PRO A 440 -9.45 42.06 9.31
CA PRO A 440 -9.39 43.29 8.50
C PRO A 440 -9.32 42.95 7.02
N GLN A 441 -10.11 43.68 6.23
CA GLN A 441 -10.28 43.39 4.80
C GLN A 441 -9.40 44.34 3.98
N LEU A 442 -8.12 43.99 3.87
CA LEU A 442 -7.15 44.89 3.29
C LEU A 442 -6.13 44.09 2.50
N THR A 443 -5.61 44.70 1.44
CA THR A 443 -4.69 43.99 0.56
C THR A 443 -3.41 43.54 1.27
N PRO A 444 -2.70 44.39 2.03
CA PRO A 444 -1.50 43.89 2.69
C PRO A 444 -1.76 42.77 3.66
N VAL A 445 -2.97 42.71 4.24
CA VAL A 445 -3.29 41.62 5.16
C VAL A 445 -3.43 40.32 4.39
N ALA A 446 -4.20 40.34 3.29
CA ALA A 446 -4.33 39.18 2.43
C ALA A 446 -2.97 38.68 1.94
N ILE A 447 -2.09 39.57 1.49
CA ILE A 447 -0.78 39.16 0.99
C ILE A 447 0.04 38.50 2.09
N GLN A 448 0.06 39.12 3.27
CA GLN A 448 0.85 38.57 4.37
C GLN A 448 0.28 37.23 4.86
N ALA A 449 -1.04 37.10 4.93
CA ALA A 449 -1.62 35.83 5.33
C ALA A 449 -1.30 34.73 4.32
N GLY A 450 -1.37 35.06 3.02
CA GLY A 450 -1.08 34.07 2.01
C GLY A 450 0.36 33.60 2.04
N ARG A 451 1.31 34.52 2.19
CA ARG A 451 2.71 34.13 2.14
C ARG A 451 3.09 33.32 3.37
N TYR A 452 2.61 33.72 4.55
CA TYR A 452 2.96 32.98 5.76
C TYR A 452 2.33 31.59 5.77
N LEU A 453 1.09 31.45 5.25
CA LEU A 453 0.45 30.14 5.18
C LEU A 453 1.22 29.19 4.26
N ALA A 454 1.62 29.67 3.08
CA ALA A 454 2.46 28.86 2.18
C ALA A 454 3.72 28.37 2.88
N ARG A 455 4.37 29.23 3.65
CA ARG A 455 5.57 28.79 4.34
C ARG A 455 5.26 27.71 5.38
N ARG A 456 4.10 27.78 6.03
CA ARG A 456 3.78 26.78 7.03
C ARG A 456 3.40 25.46 6.36
N LEU A 457 2.71 25.51 5.22
CA LEU A 457 2.28 24.29 4.54
C LEU A 457 3.46 23.54 3.94
N PHE A 458 4.45 24.26 3.40
CA PHE A 458 5.41 23.62 2.52
C PHE A 458 6.88 23.81 2.89
N ALA A 459 7.20 24.63 3.90
CA ALA A 459 8.59 24.84 4.27
C ALA A 459 8.83 24.70 5.76
N GLY A 460 7.88 24.15 6.50
CA GLY A 460 8.11 23.92 7.91
C GLY A 460 8.12 25.17 8.78
N ALA A 461 7.65 26.31 8.27
CA ALA A 461 7.59 27.50 9.09
C ALA A 461 6.52 27.36 10.17
N THR A 462 6.59 28.20 11.19
CA THR A 462 5.58 28.26 12.23
C THR A 462 4.97 29.63 12.43
N GLU A 463 5.51 30.67 11.82
CA GLU A 463 5.07 32.02 12.11
C GLU A 463 3.62 32.22 11.67
N LEU A 464 2.83 32.81 12.54
CA LEU A 464 1.43 33.11 12.25
C LEU A 464 1.30 34.55 11.79
N THR A 465 0.14 34.88 11.20
CA THR A 465 -0.15 36.25 10.82
C THR A 465 -0.78 36.99 12.00
N ASP A 466 -0.21 38.17 12.33
CA ASP A 466 -0.72 39.01 13.41
C ASP A 466 -1.70 40.03 12.81
N TYR A 467 -2.98 39.87 13.13
CA TYR A 467 -4.02 40.74 12.60
C TYR A 467 -4.40 41.89 13.55
N SER A 468 -3.63 42.14 14.60
CA SER A 468 -3.99 43.18 15.54
C SER A 468 -3.32 44.51 15.17
N ASN A 469 -4.05 45.62 15.36
CA ASN A 469 -3.53 46.98 15.20
C ASN A 469 -3.00 47.26 13.80
N VAL A 470 -3.69 46.73 12.78
CA VAL A 470 -3.31 47.01 11.39
C VAL A 470 -3.74 48.42 11.02
N ALA A 471 -2.80 49.21 10.49
CA ALA A 471 -3.08 50.60 10.19
C ALA A 471 -3.83 50.74 8.86
N THR A 472 -4.56 51.85 8.74
CA THR A 472 -5.45 52.12 7.62
C THR A 472 -5.20 53.54 7.12
N THR A 473 -5.56 53.79 5.86
CA THR A 473 -5.68 55.17 5.39
C THR A 473 -6.87 55.29 4.46
N VAL A 474 -7.73 56.29 4.73
CA VAL A 474 -8.86 56.65 3.89
C VAL A 474 -8.45 57.80 3.01
N PHE A 475 -8.53 57.61 1.69
CA PHE A 475 -7.90 58.53 0.75
C PHE A 475 -8.88 59.55 0.19
N THR A 476 -9.60 60.18 1.12
CA THR A 476 -10.49 61.27 0.83
C THR A 476 -9.68 62.52 0.43
N PRO A 477 -10.34 63.60 -0.04
CA PRO A 477 -9.55 64.78 -0.49
C PRO A 477 -8.57 65.31 0.55
N LEU A 478 -8.92 65.32 1.83
CA LEU A 478 -7.95 65.38 2.92
C LEU A 478 -7.89 63.99 3.56
N GLU A 479 -6.70 63.38 3.54
CA GLU A 479 -6.55 61.98 3.91
C GLU A 479 -6.61 61.76 5.41
N TYR A 480 -7.00 60.54 5.79
CA TYR A 480 -7.24 60.18 7.19
C TYR A 480 -6.56 58.84 7.45
N GLY A 481 -5.50 58.85 8.26
CA GLY A 481 -4.76 57.65 8.57
C GLY A 481 -4.96 57.32 10.06
N ALA A 482 -5.02 56.02 10.36
CA ALA A 482 -5.28 55.57 11.74
C ALA A 482 -4.51 54.29 12.02
N CYS A 483 -4.18 54.06 13.30
CA CYS A 483 -3.66 52.76 13.75
C CYS A 483 -4.11 52.50 15.18
N GLY A 484 -4.90 51.45 15.40
CA GLY A 484 -5.40 51.10 16.73
C GLY A 484 -6.84 51.51 16.98
N LEU A 485 -7.17 51.71 18.25
CA LEU A 485 -8.57 51.91 18.64
C LEU A 485 -9.05 53.33 18.37
N SER A 486 -10.31 53.44 17.93
CA SER A 486 -10.97 54.74 17.97
C SER A 486 -11.07 55.25 19.41
N GLU A 487 -11.35 56.54 19.55
CA GLU A 487 -11.48 57.11 20.88
C GLU A 487 -12.68 56.53 21.63
N GLU A 488 -13.82 56.38 20.94
CA GLU A 488 -15.01 55.84 21.60
C GLU A 488 -14.85 54.37 21.96
N ASP A 489 -14.05 53.61 21.20
CA ASP A 489 -13.84 52.21 21.55
C ASP A 489 -12.93 52.09 22.77
N ALA A 490 -11.91 52.92 22.85
CA ALA A 490 -11.02 52.90 24.00
C ALA A 490 -11.80 53.17 25.28
N ILE A 491 -12.71 54.14 25.22
CA ILE A 491 -13.47 54.52 26.41
C ILE A 491 -14.40 53.38 26.83
N GLU A 492 -15.10 52.79 25.86
CA GLU A 492 -15.98 51.67 26.18
C GLU A 492 -15.24 50.49 26.79
N LYS A 493 -13.99 50.27 26.41
CA LYS A 493 -13.29 49.08 26.88
C LYS A 493 -12.60 49.31 28.22
N TYR A 494 -12.21 50.56 28.53
CA TYR A 494 -11.44 50.83 29.73
C TYR A 494 -12.06 51.84 30.67
N GLY A 495 -13.07 52.60 30.24
CA GLY A 495 -13.65 53.64 31.07
C GLY A 495 -13.02 55.00 30.83
N ASP A 496 -13.85 56.04 30.74
CA ASP A 496 -13.36 57.40 30.50
C ASP A 496 -12.26 57.83 31.46
N LYS A 497 -12.29 57.34 32.70
CA LYS A 497 -11.34 57.83 33.69
C LYS A 497 -9.92 57.33 33.42
N ASP A 498 -9.80 56.19 32.75
CA ASP A 498 -8.52 55.58 32.42
C ASP A 498 -8.00 55.97 31.03
N ILE A 499 -8.72 56.83 30.30
CA ILE A 499 -8.33 57.21 28.95
C ILE A 499 -7.96 58.68 28.92
N GLU A 500 -6.80 58.99 28.34
CA GLU A 500 -6.32 60.36 28.15
C GLU A 500 -6.03 60.59 26.67
N VAL A 501 -6.45 61.75 26.15
CA VAL A 501 -6.32 62.05 24.73
C VAL A 501 -5.50 63.32 24.57
N TYR A 502 -4.33 63.21 23.95
CA TYR A 502 -3.55 64.38 23.53
C TYR A 502 -3.87 64.71 22.08
N HIS A 503 -4.07 65.98 21.77
CA HIS A 503 -4.51 66.34 20.43
C HIS A 503 -4.02 67.75 20.08
N SER A 504 -4.05 68.04 18.77
CA SER A 504 -3.59 69.34 18.29
C SER A 504 -4.02 69.52 16.84
N ASN A 505 -4.37 70.76 16.50
CA ASN A 505 -4.47 71.14 15.11
C ASN A 505 -3.07 71.38 14.52
N PHE A 506 -2.98 71.45 13.19
CA PHE A 506 -1.74 71.88 12.55
C PHE A 506 -2.02 72.38 11.15
N LYS A 507 -1.00 73.00 10.57
CA LYS A 507 -1.08 73.55 9.22
C LYS A 507 0.19 73.19 8.47
N PRO A 508 0.10 72.43 7.38
CA PRO A 508 1.30 72.11 6.58
C PRO A 508 1.99 73.41 6.16
N LEU A 509 3.32 73.42 6.21
CA LEU A 509 4.07 74.59 5.76
C LEU A 509 3.74 74.92 4.31
N GLU A 510 3.52 73.89 3.48
CA GLU A 510 3.14 74.06 2.08
C GLU A 510 1.84 74.88 1.91
N TRP A 511 0.98 74.89 2.94
CA TRP A 511 -0.28 75.62 2.86
C TRP A 511 -0.15 77.10 3.22
N THR A 512 0.99 77.55 3.74
CA THR A 512 1.08 78.94 4.17
C THR A 512 1.05 79.89 2.99
N VAL A 513 2.04 79.79 2.11
CA VAL A 513 2.13 80.68 0.95
C VAL A 513 0.91 80.53 0.03
N ALA A 514 0.28 79.34 0.04
CA ALA A 514 -0.90 79.09 -0.79
C ALA A 514 -2.21 79.52 -0.14
N HIS A 515 -2.19 80.08 1.07
CA HIS A 515 -3.36 80.68 1.71
C HIS A 515 -4.48 79.66 1.94
N ARG A 516 -4.13 78.49 2.47
CA ARG A 516 -5.12 77.46 2.77
C ARG A 516 -5.43 77.48 4.27
N GLU A 517 -6.29 76.56 4.71
CA GLU A 517 -6.96 76.68 5.99
C GLU A 517 -5.99 76.51 7.18
N ASP A 518 -6.28 77.27 8.25
CA ASP A 518 -5.37 77.33 9.41
C ASP A 518 -5.55 76.16 10.37
N ASN A 519 -6.78 75.76 10.64
CA ASN A 519 -7.05 74.82 11.73
C ASN A 519 -7.96 73.70 11.27
N VAL A 520 -7.64 73.11 10.12
CA VAL A 520 -8.41 71.98 9.61
C VAL A 520 -7.70 70.66 9.85
N CYS A 521 -6.41 70.57 9.51
CA CYS A 521 -5.66 69.36 9.83
C CYS A 521 -5.62 69.14 11.33
N TYR A 522 -5.61 67.87 11.74
CA TYR A 522 -5.85 67.48 13.12
C TYR A 522 -5.18 66.15 13.41
N MET A 523 -4.62 66.01 14.61
CA MET A 523 -4.13 64.69 15.03
C MET A 523 -4.37 64.50 16.51
N LYS A 524 -4.45 63.24 16.94
CA LYS A 524 -4.64 62.93 18.34
C LYS A 524 -4.04 61.56 18.65
N LEU A 525 -3.64 61.39 19.92
CA LEU A 525 -3.16 60.13 20.47
C LEU A 525 -4.07 59.71 21.64
N VAL A 526 -4.63 58.52 21.55
CA VAL A 526 -5.55 58.00 22.56
C VAL A 526 -4.76 57.06 23.45
N CYS A 527 -4.64 57.40 24.74
CA CYS A 527 -3.73 56.71 25.65
C CYS A 527 -4.46 56.14 26.87
N ARG A 528 -3.86 55.11 27.47
CA ARG A 528 -4.37 54.47 28.69
C ARG A 528 -3.49 54.84 29.88
N LYS A 529 -4.06 55.57 30.83
CA LYS A 529 -3.27 56.07 31.96
C LYS A 529 -2.71 54.94 32.82
N SER A 530 -3.51 53.91 33.11
CA SER A 530 -3.06 52.89 34.04
C SER A 530 -2.02 51.95 33.44
N ASP A 531 -1.87 51.91 32.11
CA ASP A 531 -0.82 51.12 31.46
C ASP A 531 0.30 52.04 30.98
N ASN A 532 0.78 52.88 31.89
CA ASN A 532 1.94 53.73 31.64
C ASN A 532 1.75 54.60 30.40
N MET A 533 0.51 55.06 30.19
CA MET A 533 0.15 55.95 29.08
C MET A 533 0.43 55.30 27.73
N ARG A 534 0.08 54.00 27.63
CA ARG A 534 0.21 53.25 26.40
C ARG A 534 -0.62 53.89 25.30
N VAL A 535 -0.05 53.95 24.09
CA VAL A 535 -0.79 54.48 22.96
C VAL A 535 -1.72 53.39 22.42
N LEU A 536 -3.03 53.59 22.62
CA LEU A 536 -4.10 52.70 22.17
C LEU A 536 -4.53 52.93 20.73
N GLY A 537 -4.49 54.19 20.27
CA GLY A 537 -4.87 54.52 18.91
C GLY A 537 -4.23 55.83 18.52
N LEU A 538 -3.87 55.93 17.24
CA LEU A 538 -3.28 57.12 16.65
C LEU A 538 -4.14 57.54 15.47
N HIS A 539 -4.43 58.85 15.36
CA HIS A 539 -5.31 59.38 14.33
C HIS A 539 -4.74 60.68 13.77
N VAL A 540 -4.71 60.81 12.43
CA VAL A 540 -4.18 61.99 11.77
C VAL A 540 -5.01 62.27 10.51
N LEU A 541 -5.44 63.52 10.36
CA LEU A 541 -6.14 64.02 9.20
C LEU A 541 -5.24 65.07 8.54
N GLY A 542 -4.86 64.83 7.28
CA GLY A 542 -3.94 65.73 6.63
C GLY A 542 -3.31 65.14 5.39
N PRO A 543 -2.49 65.93 4.70
CA PRO A 543 -1.86 65.43 3.48
C PRO A 543 -0.88 64.32 3.79
N ASN A 544 -0.78 63.36 2.87
CA ASN A 544 0.17 62.23 2.98
C ASN A 544 -0.06 61.42 4.26
N ALA A 545 -1.32 61.31 4.71
CA ALA A 545 -1.61 60.63 5.99
C ALA A 545 -1.11 59.20 6.03
N GLY A 546 -1.12 58.51 4.89
CA GLY A 546 -0.59 57.16 4.84
C GLY A 546 0.91 57.11 5.11
N GLU A 547 1.67 57.98 4.44
CA GLU A 547 3.11 57.99 4.69
C GLU A 547 3.39 58.40 6.14
N ILE A 548 2.59 59.34 6.67
CA ILE A 548 2.74 59.73 8.06
C ILE A 548 2.50 58.54 8.99
N THR A 549 1.39 57.84 8.79
CA THR A 549 0.96 56.84 9.77
C THR A 549 1.84 55.59 9.76
N GLN A 550 2.30 55.15 8.58
CA GLN A 550 2.89 53.81 8.45
C GLN A 550 3.99 53.54 9.47
N GLY A 551 4.97 54.44 9.57
CA GLY A 551 6.07 54.22 10.49
C GLY A 551 5.63 54.01 11.92
N TYR A 552 4.61 54.75 12.36
CA TYR A 552 4.14 54.64 13.74
C TYR A 552 3.49 53.28 14.02
N ALA A 553 2.99 52.59 13.00
CA ALA A 553 2.42 51.27 13.21
C ALA A 553 3.45 50.30 13.78
N VAL A 554 4.72 50.43 13.37
CA VAL A 554 5.80 49.61 13.96
C VAL A 554 5.93 49.89 15.45
N ALA A 555 5.91 51.16 15.84
CA ALA A 555 6.06 51.50 17.25
C ALA A 555 4.84 51.07 18.06
N ILE A 556 3.64 51.15 17.48
CA ILE A 556 2.49 50.67 18.21
C ILE A 556 2.56 49.16 18.36
N LYS A 557 2.96 48.44 17.31
CA LYS A 557 3.15 47.00 17.40
C LYS A 557 4.05 46.66 18.58
N MET A 558 5.07 47.48 18.82
CA MET A 558 6.06 47.26 19.86
C MET A 558 5.61 47.70 21.26
N GLY A 559 4.40 48.22 21.41
CA GLY A 559 3.93 48.68 22.71
C GLY A 559 4.26 50.11 23.10
N ALA A 560 4.31 51.04 22.14
CA ALA A 560 4.80 52.40 22.42
C ALA A 560 3.90 53.14 23.41
N THR A 561 4.50 54.08 24.14
CA THR A 561 3.82 54.91 25.13
C THR A 561 3.98 56.38 24.77
N LYS A 562 3.21 57.23 25.45
CA LYS A 562 3.39 58.67 25.26
C LYS A 562 4.82 59.08 25.54
N ALA A 563 5.47 58.43 26.51
CA ALA A 563 6.86 58.77 26.82
C ALA A 563 7.79 58.47 25.64
N ASP A 564 7.49 57.44 24.86
CA ASP A 564 8.33 57.10 23.73
C ASP A 564 8.19 58.11 22.60
N PHE A 565 6.98 58.65 22.41
CA PHE A 565 6.79 59.72 21.46
C PHE A 565 7.48 60.99 21.94
N ASP A 566 7.39 61.27 23.26
CA ASP A 566 7.98 62.50 23.78
C ASP A 566 9.47 62.53 23.59
N ARG A 567 10.13 61.39 23.86
CA ARG A 567 11.59 61.38 23.88
C ARG A 567 12.21 61.27 22.49
N THR A 568 11.41 61.00 21.46
CA THR A 568 11.88 61.03 20.07
C THR A 568 11.81 62.45 19.51
N ILE A 569 12.86 62.85 18.77
CA ILE A 569 12.90 64.21 18.23
C ILE A 569 12.21 64.27 16.87
N GLY A 570 11.61 65.42 16.58
CA GLY A 570 10.96 65.59 15.29
C GLY A 570 11.93 65.87 14.15
N ILE A 571 11.40 65.71 12.93
CA ILE A 571 12.03 66.15 11.70
C ILE A 571 11.30 67.40 11.23
N HIS A 572 12.06 68.44 10.89
CA HIS A 572 11.51 69.76 10.62
C HIS A 572 12.02 70.26 9.28
N PRO A 573 11.14 70.82 8.45
CA PRO A 573 9.68 70.96 8.64
C PRO A 573 8.83 69.82 8.03
N THR A 574 8.04 69.13 8.86
CA THR A 574 7.12 68.08 8.42
C THR A 574 5.82 68.21 9.22
N CYS A 575 4.74 67.66 8.68
CA CYS A 575 3.52 67.50 9.45
C CYS A 575 3.69 66.44 10.54
N SER A 576 4.37 65.34 10.22
CA SER A 576 4.42 64.20 11.12
C SER A 576 5.12 64.54 12.43
N GLU A 577 6.03 65.53 12.42
CA GLU A 577 6.76 65.89 13.63
C GLU A 577 5.85 66.39 14.74
N THR A 578 4.62 66.79 14.41
CA THR A 578 3.71 67.28 15.44
C THR A 578 3.38 66.19 16.46
N PHE A 579 3.49 64.91 16.07
CA PHE A 579 3.24 63.83 17.01
C PHE A 579 4.29 63.74 18.11
N THR A 580 5.45 64.38 17.95
CA THR A 580 6.54 64.25 18.92
C THR A 580 6.51 65.32 20.01
N THR A 581 5.59 66.28 19.95
CA THR A 581 5.50 67.36 20.93
C THR A 581 4.07 67.62 21.40
N LEU A 582 3.23 66.59 21.42
CA LEU A 582 1.84 66.78 21.80
C LEU A 582 1.74 67.00 23.32
N HIS A 583 0.86 67.91 23.74
CA HIS A 583 0.79 68.20 25.17
C HIS A 583 -0.59 68.64 25.68
N VAL A 584 -1.48 69.10 24.79
CA VAL A 584 -2.80 69.55 25.21
C VAL A 584 -3.71 68.33 25.38
N THR A 585 -4.36 68.20 26.53
CA THR A 585 -5.28 67.09 26.74
C THR A 585 -6.72 67.54 26.55
N LYS A 586 -7.58 66.56 26.30
CA LYS A 586 -9.00 66.88 26.14
C LYS A 586 -9.63 67.22 27.49
N LYS A 587 -9.26 66.48 28.53
CA LYS A 587 -9.73 66.80 29.87
C LYS A 587 -9.41 68.25 30.24
N SER A 588 -8.30 68.78 29.73
CA SER A 588 -7.88 70.10 30.18
C SER A 588 -8.79 71.20 29.66
N GLY A 589 -9.59 70.92 28.63
CA GLY A 589 -10.42 71.94 28.02
C GLY A 589 -9.67 72.98 27.21
N VAL A 590 -8.34 72.93 27.16
CA VAL A 590 -7.60 73.92 26.39
C VAL A 590 -7.84 73.71 24.89
N SER A 591 -7.82 74.80 24.14
CA SER A 591 -8.08 74.71 22.72
C SER A 591 -6.90 74.05 21.99
N PRO A 592 -7.18 73.19 21.00
CA PRO A 592 -6.09 72.61 20.19
C PRO A 592 -5.64 73.45 19.00
N ILE A 593 -6.10 74.71 18.86
CA ILE A 593 -5.58 75.57 17.78
C ILE A 593 -4.10 75.88 17.99
N VAL A 594 -3.45 76.41 16.97
CA VAL A 594 -2.04 76.77 17.08
C VAL A 594 -1.83 78.30 17.04
N GLY B 7 17.66 -71.01 20.42
CA GLY B 7 17.37 -69.74 19.80
C GLY B 7 17.99 -69.56 18.42
N THR B 8 19.31 -69.70 18.35
CA THR B 8 20.01 -69.61 17.07
C THR B 8 19.59 -70.72 16.11
N SER B 9 19.20 -71.88 16.66
CA SER B 9 18.92 -73.04 15.82
C SER B 9 17.76 -72.79 14.87
N GLN B 10 16.75 -72.02 15.29
CA GLN B 10 15.60 -71.76 14.42
C GLN B 10 15.86 -70.64 13.43
N TRP B 11 16.84 -69.77 13.69
CA TRP B 11 17.27 -68.85 12.65
C TRP B 11 17.92 -69.60 11.50
N LEU B 12 18.78 -70.58 11.82
CA LEU B 12 19.51 -71.30 10.79
C LEU B 12 18.56 -72.15 9.94
N ARG B 13 17.59 -72.82 10.58
CA ARG B 13 16.58 -73.56 9.83
C ARG B 13 15.82 -72.65 8.88
N LYS B 14 15.50 -71.44 9.33
CA LYS B 14 14.75 -70.49 8.51
C LYS B 14 15.58 -70.02 7.31
N THR B 15 16.84 -69.67 7.56
CA THR B 15 17.71 -69.17 6.50
C THR B 15 18.01 -70.26 5.46
N VAL B 16 18.23 -71.49 5.90
CA VAL B 16 18.55 -72.55 4.94
C VAL B 16 17.32 -72.93 4.12
N ASP B 17 16.16 -73.01 4.77
CA ASP B 17 14.97 -73.40 4.03
C ASP B 17 14.49 -72.34 3.05
N SER B 18 14.83 -71.07 3.26
CA SER B 18 14.29 -70.01 2.41
C SER B 18 15.26 -69.52 1.34
N ALA B 19 16.56 -69.46 1.64
CA ALA B 19 17.53 -68.99 0.66
C ALA B 19 17.46 -69.80 -0.64
N ALA B 20 17.89 -69.19 -1.74
CA ALA B 20 17.94 -69.87 -3.02
C ALA B 20 19.31 -70.49 -3.26
N VAL B 21 20.36 -69.70 -3.13
CA VAL B 21 21.74 -70.18 -3.09
C VAL B 21 22.44 -69.42 -1.97
N ILE B 22 22.98 -70.14 -0.99
CA ILE B 22 23.65 -69.49 0.13
C ILE B 22 24.93 -70.23 0.47
N LEU B 23 26.01 -69.47 0.68
CA LEU B 23 27.32 -70.01 1.01
C LEU B 23 27.67 -69.58 2.42
N PHE B 24 27.89 -70.54 3.31
CA PHE B 24 28.44 -70.26 4.63
C PHE B 24 29.96 -70.26 4.52
N SER B 25 30.58 -69.17 4.95
CA SER B 25 31.97 -68.91 4.63
C SER B 25 32.69 -68.31 5.83
N LYS B 26 33.96 -67.98 5.60
CA LYS B 26 34.77 -67.19 6.52
C LYS B 26 35.68 -66.28 5.69
N THR B 27 35.93 -65.08 6.21
CA THR B 27 36.73 -64.10 5.48
C THR B 27 38.14 -64.62 5.23
N THR B 28 38.69 -65.35 6.21
CA THR B 28 40.10 -65.74 6.18
C THR B 28 40.35 -66.99 5.33
N CYS B 29 39.35 -67.84 5.16
CA CYS B 29 39.57 -69.15 4.55
C CYS B 29 39.82 -69.04 3.04
N PRO B 30 40.85 -69.71 2.51
CA PRO B 30 41.06 -69.71 1.05
C PRO B 30 40.29 -70.81 0.33
N TYR B 31 39.90 -71.87 1.05
CA TYR B 31 39.01 -72.86 0.46
C TYR B 31 37.67 -72.24 0.10
N CYS B 32 37.19 -71.32 0.96
CA CYS B 32 35.99 -70.56 0.64
C CYS B 32 36.21 -69.69 -0.58
N LYS B 33 37.35 -68.99 -0.63
CA LYS B 33 37.72 -68.22 -1.81
C LYS B 33 37.70 -69.09 -3.06
N LYS B 34 38.15 -70.34 -2.95
CA LYS B 34 38.10 -71.23 -4.09
C LYS B 34 36.67 -71.39 -4.61
N VAL B 35 35.71 -71.53 -3.70
CA VAL B 35 34.32 -71.74 -4.11
C VAL B 35 33.68 -70.44 -4.60
N LYS B 36 33.95 -69.32 -3.91
CA LYS B 36 33.41 -68.03 -4.38
C LYS B 36 33.72 -67.81 -5.85
N ASP B 37 34.99 -68.03 -6.23
CA ASP B 37 35.44 -67.75 -7.59
C ASP B 37 34.81 -68.72 -8.60
N VAL B 38 34.67 -69.99 -8.23
CA VAL B 38 33.91 -70.92 -9.06
C VAL B 38 32.50 -70.40 -9.32
N LEU B 39 31.84 -69.86 -8.29
CA LEU B 39 30.48 -69.36 -8.47
C LEU B 39 30.46 -68.07 -9.27
N ALA B 40 31.40 -67.16 -9.00
CA ALA B 40 31.48 -65.92 -9.79
C ALA B 40 31.71 -66.23 -11.26
N GLU B 41 32.68 -67.10 -11.56
CA GLU B 41 32.94 -67.45 -12.95
C GLU B 41 31.72 -68.08 -13.60
N ALA B 42 31.06 -69.01 -12.89
CA ALA B 42 29.85 -69.63 -13.41
C ALA B 42 28.69 -68.66 -13.47
N LYS B 43 28.84 -67.43 -12.96
CA LYS B 43 27.78 -66.42 -12.95
C LYS B 43 26.56 -66.95 -12.20
N ILE B 44 26.81 -67.55 -11.05
CA ILE B 44 25.76 -67.94 -10.11
C ILE B 44 25.75 -66.92 -8.99
N LYS B 45 24.61 -66.24 -8.80
CA LYS B 45 24.46 -65.27 -7.72
C LYS B 45 23.96 -65.98 -6.46
N HIS B 46 24.36 -65.46 -5.30
CA HIS B 46 24.12 -66.18 -4.05
C HIS B 46 24.34 -65.26 -2.86
N ALA B 47 23.69 -65.63 -1.75
CA ALA B 47 23.98 -65.04 -0.45
C ALA B 47 25.24 -65.68 0.14
N THR B 48 25.94 -64.91 0.97
CA THR B 48 27.13 -65.38 1.66
C THR B 48 27.06 -64.92 3.11
N ILE B 49 27.32 -65.83 4.03
CA ILE B 49 27.21 -65.55 5.46
C ILE B 49 28.60 -65.79 6.04
N GLU B 50 29.41 -64.73 6.12
CA GLU B 50 30.75 -64.84 6.69
C GLU B 50 30.65 -65.09 8.19
N LEU B 51 30.94 -66.33 8.62
CA LEU B 51 30.66 -66.73 9.99
C LEU B 51 31.60 -66.11 11.02
N ASP B 52 32.76 -65.61 10.60
CA ASP B 52 33.65 -64.96 11.56
C ASP B 52 33.19 -63.54 11.91
N GLN B 53 32.31 -62.95 11.09
CA GLN B 53 31.85 -61.59 11.32
C GLN B 53 30.53 -61.53 12.09
N LEU B 54 30.14 -62.62 12.76
CA LEU B 54 28.92 -62.65 13.56
C LEU B 54 29.27 -63.12 14.97
N SER B 55 28.48 -62.66 15.95
CA SER B 55 28.77 -62.99 17.35
C SER B 55 28.64 -64.48 17.61
N ASN B 56 27.44 -65.05 17.47
CA ASN B 56 27.23 -66.46 17.74
C ASN B 56 27.75 -67.34 16.60
N GLY B 57 28.71 -66.82 15.82
CA GLY B 57 29.19 -67.53 14.65
C GLY B 57 29.78 -68.89 14.93
N SER B 58 30.42 -69.07 16.09
CA SER B 58 31.02 -70.37 16.41
C SER B 58 29.95 -71.40 16.75
N ALA B 59 28.78 -70.95 17.23
CA ALA B 59 27.69 -71.87 17.51
C ALA B 59 26.99 -72.31 16.22
N ILE B 60 26.95 -71.44 15.21
CA ILE B 60 26.29 -71.77 13.95
C ILE B 60 27.10 -72.80 13.18
N GLN B 61 28.42 -72.61 13.12
CA GLN B 61 29.29 -73.58 12.48
C GLN B 61 28.99 -74.99 12.96
N LYS B 62 28.81 -75.15 14.28
CA LYS B 62 28.50 -76.46 14.83
C LYS B 62 27.10 -76.91 14.47
N CYS B 63 26.14 -75.98 14.46
CA CYS B 63 24.74 -76.35 14.21
C CYS B 63 24.47 -76.64 12.75
N LEU B 64 25.35 -76.17 11.84
CA LEU B 64 25.21 -76.50 10.43
C LEU B 64 25.21 -78.00 10.18
N ALA B 65 25.95 -78.75 11.03
CA ALA B 65 26.09 -80.19 10.87
C ALA B 65 24.76 -80.92 10.91
N SER B 66 23.75 -80.34 11.55
CA SER B 66 22.41 -80.92 11.53
C SER B 66 21.92 -81.14 10.11
N PHE B 67 22.31 -80.29 9.17
CA PHE B 67 21.88 -80.42 7.79
C PHE B 67 22.89 -81.18 6.94
N SER B 68 24.19 -81.03 7.22
CA SER B 68 25.25 -81.49 6.35
C SER B 68 26.12 -82.62 6.92
N LYS B 69 26.06 -82.87 8.22
CA LYS B 69 26.92 -83.82 8.92
C LYS B 69 28.38 -83.38 8.95
N ILE B 70 28.70 -82.16 8.53
CA ILE B 70 30.05 -81.63 8.67
C ILE B 70 30.00 -80.34 9.48
N GLU B 71 31.13 -80.01 10.10
CA GLU B 71 31.26 -78.84 10.97
C GLU B 71 32.18 -77.78 10.37
N THR B 72 32.63 -77.98 9.14
CA THR B 72 33.68 -77.19 8.54
C THR B 72 33.08 -76.20 7.54
N VAL B 73 33.95 -75.34 7.02
CA VAL B 73 33.56 -74.25 6.13
C VAL B 73 34.50 -74.26 4.93
N PRO B 74 34.01 -74.11 3.68
CA PRO B 74 32.66 -73.72 3.24
C PRO B 74 31.60 -74.81 3.18
N GLN B 75 30.33 -74.41 3.33
CA GLN B 75 29.17 -75.25 3.03
C GLN B 75 28.21 -74.47 2.14
N MET B 76 27.71 -75.12 1.09
CA MET B 76 26.82 -74.48 0.13
C MET B 76 25.48 -75.20 0.09
N PHE B 77 24.39 -74.42 0.03
CA PHE B 77 23.04 -74.93 0.03
C PHE B 77 22.26 -74.35 -1.14
N VAL B 78 21.33 -75.14 -1.69
CA VAL B 78 20.44 -74.69 -2.75
C VAL B 78 19.04 -75.05 -2.32
N ARG B 79 18.25 -74.03 -1.96
CA ARG B 79 16.82 -74.18 -1.72
C ARG B 79 16.54 -75.20 -0.60
N GLY B 80 17.35 -75.14 0.45
CA GLY B 80 17.16 -75.97 1.62
C GLY B 80 17.99 -77.23 1.67
N LYS B 81 18.77 -77.50 0.63
CA LYS B 81 19.44 -78.79 0.44
C LYS B 81 20.94 -78.57 0.43
N PHE B 82 21.66 -79.33 1.27
CA PHE B 82 23.11 -79.26 1.28
C PHE B 82 23.65 -79.81 -0.03
N ILE B 83 24.66 -79.14 -0.58
CA ILE B 83 25.18 -79.45 -1.90
C ILE B 83 26.61 -80.00 -1.84
N GLY B 84 27.45 -79.49 -0.95
CA GLY B 84 28.79 -80.04 -0.82
C GLY B 84 29.73 -79.11 -0.09
N ASP B 85 30.96 -79.60 0.10
CA ASP B 85 32.10 -78.81 0.54
C ASP B 85 32.92 -78.40 -0.70
N SER B 86 34.16 -77.96 -0.49
CA SER B 86 34.95 -77.42 -1.60
C SER B 86 35.18 -78.47 -2.69
N GLN B 87 35.48 -79.72 -2.30
CA GLN B 87 35.74 -80.75 -3.31
C GLN B 87 34.49 -81.14 -4.07
N THR B 88 33.32 -81.15 -3.40
CA THR B 88 32.10 -81.67 -4.01
C THR B 88 31.50 -80.68 -5.01
N VAL B 89 31.57 -79.38 -4.72
CA VAL B 89 31.10 -78.39 -5.68
C VAL B 89 32.06 -78.32 -6.87
N LEU B 90 33.36 -78.44 -6.61
CA LEU B 90 34.32 -78.45 -7.70
C LEU B 90 34.12 -79.65 -8.61
N LYS B 91 33.70 -80.80 -8.03
CA LYS B 91 33.37 -81.97 -8.84
C LYS B 91 32.15 -81.71 -9.71
N TYR B 92 31.17 -80.97 -9.20
CA TYR B 92 30.01 -80.63 -10.01
C TYR B 92 30.35 -79.64 -11.11
N TYR B 93 31.22 -78.68 -10.82
CA TYR B 93 31.67 -77.74 -11.84
C TYR B 93 32.42 -78.47 -12.95
N SER B 94 33.36 -79.35 -12.57
CA SER B 94 34.20 -80.03 -13.54
C SER B 94 33.44 -81.04 -14.39
N ASN B 95 32.29 -81.54 -13.90
CA ASN B 95 31.44 -82.46 -14.62
C ASN B 95 30.24 -81.79 -15.30
N ASP B 96 30.16 -80.45 -15.23
CA ASP B 96 29.02 -79.68 -15.78
C ASP B 96 27.69 -80.15 -15.21
N GLU B 97 27.68 -80.47 -13.91
CA GLU B 97 26.44 -80.77 -13.21
C GLU B 97 25.94 -79.59 -12.39
N LEU B 98 26.75 -78.53 -12.28
CA LEU B 98 26.46 -77.46 -11.33
C LEU B 98 25.22 -76.67 -11.70
N ALA B 99 25.11 -76.24 -12.96
CA ALA B 99 24.03 -75.36 -13.37
C ALA B 99 22.67 -76.00 -13.18
N GLY B 100 22.57 -77.31 -13.42
CA GLY B 100 21.30 -78.01 -13.24
C GLY B 100 20.92 -78.23 -11.79
N ILE B 101 21.92 -78.32 -10.91
CA ILE B 101 21.65 -78.43 -9.48
C ILE B 101 21.12 -77.11 -8.94
N VAL B 102 21.81 -76.00 -9.22
CA VAL B 102 21.38 -74.70 -8.70
C VAL B 102 20.10 -74.19 -9.35
N ASN B 103 19.66 -74.80 -10.45
CA ASN B 103 18.43 -74.37 -11.09
C ASN B 103 17.22 -75.23 -10.72
N GLU B 104 17.41 -76.36 -10.06
CA GLU B 104 16.27 -77.23 -9.80
C GLU B 104 15.47 -76.69 -8.62
N SER B 105 14.17 -76.52 -8.83
CA SER B 105 13.25 -75.95 -7.86
C SER B 105 11.88 -76.57 -8.05
N LYS B 106 11.15 -76.74 -6.95
CA LYS B 106 9.75 -77.15 -7.03
C LYS B 106 8.90 -76.15 -7.79
N TYR B 107 9.31 -74.89 -7.84
CA TYR B 107 8.51 -73.83 -8.40
C TYR B 107 9.22 -73.16 -9.57
N ASP B 108 8.42 -72.48 -10.41
CA ASP B 108 8.98 -71.68 -11.51
C ASP B 108 9.90 -70.58 -10.99
N TYR B 109 9.53 -69.92 -9.89
CA TYR B 109 10.32 -68.81 -9.38
C TYR B 109 10.49 -68.93 -7.87
N ASP B 110 11.61 -68.44 -7.36
CA ASP B 110 11.76 -68.30 -5.91
C ASP B 110 10.86 -67.19 -5.37
N LEU B 111 10.60 -66.15 -6.16
CA LEU B 111 9.82 -65.00 -5.75
C LEU B 111 8.97 -64.55 -6.91
N ILE B 112 7.69 -64.31 -6.65
CA ILE B 112 6.82 -63.60 -7.58
C ILE B 112 6.35 -62.33 -6.88
N VAL B 113 6.56 -61.19 -7.53
CA VAL B 113 6.07 -59.90 -7.04
C VAL B 113 4.89 -59.47 -7.91
N ILE B 114 3.72 -59.33 -7.29
CA ILE B 114 2.55 -58.77 -7.97
C ILE B 114 2.54 -57.26 -7.69
N GLY B 115 2.79 -56.46 -8.73
CA GLY B 115 2.80 -55.01 -8.62
C GLY B 115 4.17 -54.40 -8.86
N GLY B 116 4.32 -53.65 -9.95
CA GLY B 116 5.62 -53.06 -10.27
C GLY B 116 5.79 -51.59 -9.88
N GLY B 117 5.53 -51.26 -8.61
CA GLY B 117 5.69 -49.89 -8.13
C GLY B 117 6.82 -49.73 -7.13
N SER B 118 6.70 -48.76 -6.23
CA SER B 118 7.83 -48.41 -5.36
C SER B 118 8.35 -49.62 -4.58
N GLY B 119 7.46 -50.30 -3.85
CA GLY B 119 7.91 -51.42 -3.03
C GLY B 119 8.21 -52.67 -3.86
N GLY B 120 7.36 -52.95 -4.86
CA GLY B 120 7.53 -54.17 -5.63
C GLY B 120 8.84 -54.20 -6.40
N LEU B 121 9.15 -53.12 -7.11
CA LEU B 121 10.40 -53.09 -7.85
C LEU B 121 11.61 -53.16 -6.91
N ALA B 122 11.50 -52.57 -5.72
CA ALA B 122 12.64 -52.62 -4.80
C ALA B 122 12.82 -54.03 -4.23
N ALA B 123 11.72 -54.66 -3.81
CA ALA B 123 11.78 -56.06 -3.37
C ALA B 123 12.39 -56.94 -4.46
N GLY B 124 11.88 -56.81 -5.69
CA GLY B 124 12.36 -57.64 -6.79
C GLY B 124 13.85 -57.52 -7.05
N LYS B 125 14.34 -56.28 -7.25
CA LYS B 125 15.77 -56.11 -7.55
C LYS B 125 16.63 -56.64 -6.42
N GLU B 126 16.22 -56.43 -5.18
CA GLU B 126 17.06 -56.85 -4.07
C GLU B 126 17.09 -58.37 -3.94
N ALA B 127 15.96 -59.05 -4.15
CA ALA B 127 15.95 -60.52 -4.08
C ALA B 127 16.90 -61.12 -5.12
N ALA B 128 16.82 -60.64 -6.37
CA ALA B 128 17.67 -61.16 -7.43
C ALA B 128 19.16 -61.04 -7.10
N LYS B 129 19.55 -60.06 -6.28
CA LYS B 129 20.95 -59.92 -5.91
C LYS B 129 21.49 -61.20 -5.29
N TYR B 130 20.69 -61.88 -4.46
CA TYR B 130 21.15 -63.03 -3.70
C TYR B 130 20.75 -64.36 -4.34
N GLY B 131 20.51 -64.37 -5.65
CA GLY B 131 20.30 -65.62 -6.36
C GLY B 131 18.86 -66.05 -6.51
N ALA B 132 17.90 -65.30 -5.98
CA ALA B 132 16.50 -65.68 -6.13
C ALA B 132 16.05 -65.46 -7.58
N LYS B 133 15.48 -66.51 -8.18
CA LYS B 133 14.86 -66.37 -9.48
C LYS B 133 13.53 -65.63 -9.31
N THR B 134 13.42 -64.44 -9.90
CA THR B 134 12.39 -63.49 -9.54
C THR B 134 11.57 -63.06 -10.75
N ALA B 135 10.27 -62.97 -10.57
CA ALA B 135 9.38 -62.36 -11.55
C ALA B 135 8.70 -61.14 -10.94
N VAL B 136 8.57 -60.07 -11.72
CA VAL B 136 7.83 -58.90 -11.31
C VAL B 136 6.69 -58.71 -12.30
N LEU B 137 5.46 -58.61 -11.78
CA LEU B 137 4.28 -58.39 -12.58
C LEU B 137 3.81 -56.95 -12.38
N ASP B 138 3.52 -56.26 -13.49
CA ASP B 138 2.88 -54.96 -13.40
C ASP B 138 1.90 -54.78 -14.56
N TYR B 139 0.76 -54.17 -14.24
CA TYR B 139 -0.28 -53.87 -15.21
C TYR B 139 -1.02 -52.64 -14.70
N VAL B 140 -1.21 -51.65 -15.58
CA VAL B 140 -1.87 -50.40 -15.23
C VAL B 140 -3.25 -50.42 -15.88
N GLU B 141 -4.25 -50.68 -15.06
CA GLU B 141 -5.65 -50.58 -15.40
C GLU B 141 -5.99 -49.14 -15.78
N PRO B 142 -6.53 -48.88 -16.98
CA PRO B 142 -6.81 -47.49 -17.38
C PRO B 142 -7.86 -46.82 -16.51
N THR B 143 -7.77 -45.50 -16.45
CA THR B 143 -8.77 -44.68 -15.79
C THR B 143 -10.05 -44.66 -16.65
N PRO B 144 -11.16 -44.15 -16.11
CA PRO B 144 -12.42 -44.15 -16.90
C PRO B 144 -12.32 -43.45 -18.26
N ILE B 145 -11.49 -42.42 -18.42
CA ILE B 145 -11.31 -41.83 -19.75
C ILE B 145 -10.15 -42.49 -20.48
N GLY B 146 -9.58 -43.56 -19.92
CA GLY B 146 -8.58 -44.35 -20.61
C GLY B 146 -7.12 -43.98 -20.39
N THR B 147 -6.81 -43.14 -19.41
CA THR B 147 -5.41 -42.80 -19.15
C THR B 147 -4.65 -44.02 -18.63
N THR B 148 -3.43 -44.19 -19.14
CA THR B 148 -2.57 -45.31 -18.76
C THR B 148 -1.12 -44.85 -18.86
N TRP B 149 -0.22 -45.61 -18.23
CA TRP B 149 1.19 -45.19 -18.12
C TRP B 149 2.07 -46.42 -17.93
N GLY B 150 3.38 -46.18 -17.86
CA GLY B 150 4.37 -47.24 -17.90
C GLY B 150 4.74 -47.78 -16.52
N LEU B 151 5.85 -48.53 -16.51
CA LEU B 151 6.30 -49.24 -15.32
C LEU B 151 6.87 -48.29 -14.27
N GLY B 152 6.59 -48.58 -13.00
CA GLY B 152 7.15 -47.80 -11.91
C GLY B 152 6.21 -47.44 -10.77
N GLY B 153 4.91 -47.50 -11.00
CA GLY B 153 3.96 -47.34 -9.92
C GLY B 153 3.41 -45.93 -9.82
N THR B 154 2.69 -45.69 -8.72
CA THR B 154 1.95 -44.44 -8.58
C THR B 154 2.88 -43.24 -8.42
N CYS B 155 3.89 -43.35 -7.57
CA CYS B 155 4.79 -42.22 -7.32
C CYS B 155 5.48 -41.75 -8.61
N VAL B 156 6.01 -42.69 -9.39
CA VAL B 156 6.84 -42.36 -10.55
C VAL B 156 6.00 -41.74 -11.66
N ASN B 157 4.79 -42.28 -11.88
CA ASN B 157 3.99 -41.90 -13.03
C ASN B 157 2.91 -40.87 -12.71
N VAL B 158 2.20 -40.99 -11.59
CA VAL B 158 1.05 -40.12 -11.31
C VAL B 158 1.05 -39.66 -9.84
N GLY B 159 2.24 -39.53 -9.24
CA GLY B 159 2.35 -39.20 -7.82
C GLY B 159 3.46 -38.23 -7.48
N CYS B 160 4.40 -38.64 -6.61
CA CYS B 160 5.42 -37.72 -6.09
C CYS B 160 6.20 -37.02 -7.21
N ILE B 161 6.61 -37.75 -8.24
CA ILE B 161 7.54 -37.19 -9.22
C ILE B 161 6.82 -36.11 -10.05
N PRO B 162 5.73 -36.42 -10.77
CA PRO B 162 5.08 -35.34 -11.53
C PRO B 162 4.54 -34.22 -10.67
N LYS B 163 4.05 -34.51 -9.46
CA LYS B 163 3.45 -33.42 -8.68
C LYS B 163 4.52 -32.48 -8.12
N LYS B 164 5.70 -32.97 -7.74
CA LYS B 164 6.71 -32.05 -7.24
C LYS B 164 7.35 -31.25 -8.37
N LEU B 165 7.43 -31.84 -9.57
CA LEU B 165 7.86 -31.08 -10.74
C LEU B 165 6.90 -29.96 -11.09
N MET B 166 5.58 -30.18 -10.96
CA MET B 166 4.66 -29.07 -11.22
C MET B 166 4.66 -28.06 -10.07
N HIS B 167 4.83 -28.55 -8.85
CA HIS B 167 5.08 -27.66 -7.71
C HIS B 167 6.25 -26.73 -8.00
N GLN B 168 7.34 -27.26 -8.59
CA GLN B 168 8.50 -26.43 -8.88
C GLN B 168 8.17 -25.37 -9.93
N ALA B 169 7.41 -25.76 -10.96
CA ALA B 169 6.92 -24.78 -11.93
C ALA B 169 6.15 -23.67 -11.25
N GLY B 170 5.31 -24.03 -10.27
CA GLY B 170 4.62 -22.99 -9.52
C GLY B 170 5.58 -22.10 -8.75
N LEU B 171 6.57 -22.69 -8.08
CA LEU B 171 7.52 -21.90 -7.30
C LEU B 171 8.30 -20.93 -8.17
N LEU B 172 8.60 -21.33 -9.41
CA LEU B 172 9.41 -20.47 -10.26
C LEU B 172 8.70 -19.17 -10.56
N SER B 173 7.36 -19.13 -10.42
CA SER B 173 6.64 -17.88 -10.63
C SER B 173 7.01 -16.83 -9.58
N HIS B 174 7.10 -17.23 -8.30
CA HIS B 174 7.53 -16.27 -7.28
C HIS B 174 9.01 -15.93 -7.40
N ALA B 175 9.83 -16.88 -7.86
CA ALA B 175 11.19 -16.57 -8.27
C ALA B 175 11.25 -15.42 -9.27
N LEU B 176 10.41 -15.48 -10.32
CA LEU B 176 10.37 -14.40 -11.30
C LEU B 176 9.96 -13.08 -10.66
N GLU B 177 8.96 -13.10 -9.77
CA GLU B 177 8.59 -11.90 -9.03
C GLU B 177 9.77 -11.39 -8.20
N ASP B 178 10.42 -12.28 -7.45
CA ASP B 178 11.51 -11.87 -6.55
C ASP B 178 12.69 -11.26 -7.31
N ALA B 179 12.93 -11.71 -8.55
CA ALA B 179 14.15 -11.33 -9.26
C ALA B 179 14.21 -9.83 -9.53
N GLU B 180 13.05 -9.19 -9.71
CA GLU B 180 13.04 -7.74 -9.94
C GLU B 180 13.60 -7.00 -8.73
N HIS B 181 13.18 -7.40 -7.53
CA HIS B 181 13.65 -6.75 -6.32
C HIS B 181 15.13 -6.99 -6.07
N PHE B 182 15.68 -8.09 -6.58
CA PHE B 182 17.09 -8.36 -6.46
C PHE B 182 17.92 -7.75 -7.59
N GLY B 183 17.30 -6.99 -8.50
CA GLY B 183 18.02 -6.24 -9.50
C GLY B 183 17.96 -6.76 -10.92
N TRP B 184 17.18 -7.81 -11.19
CA TRP B 184 17.04 -8.32 -12.55
C TRP B 184 15.95 -7.55 -13.30
N SER B 185 16.19 -7.29 -14.59
CA SER B 185 15.43 -6.34 -15.39
C SER B 185 14.23 -6.97 -16.08
N LEU B 186 13.47 -7.84 -15.45
CA LEU B 186 12.35 -8.49 -16.12
C LEU B 186 11.04 -7.96 -15.57
N ASP B 187 9.99 -8.01 -16.38
CA ASP B 187 8.65 -7.60 -15.98
C ASP B 187 7.77 -8.83 -15.82
N ARG B 188 7.61 -9.28 -14.58
CA ARG B 188 6.79 -10.44 -14.27
C ARG B 188 5.38 -10.31 -14.85
N SER B 189 4.84 -9.08 -14.82
CA SER B 189 3.50 -8.82 -15.33
C SER B 189 3.31 -9.29 -16.76
N LYS B 190 4.37 -9.33 -17.56
CA LYS B 190 4.27 -9.64 -18.99
C LYS B 190 4.77 -11.05 -19.32
N ILE B 191 4.63 -12.00 -18.41
CA ILE B 191 5.05 -13.39 -18.64
C ILE B 191 3.89 -14.33 -18.31
N SER B 192 3.72 -15.35 -19.16
CA SER B 192 2.62 -16.31 -19.02
C SER B 192 3.17 -17.74 -19.03
N HIS B 193 2.32 -18.69 -18.68
CA HIS B 193 2.71 -20.09 -18.57
C HIS B 193 2.03 -20.95 -19.65
N ASN B 194 2.79 -21.90 -20.19
CA ASN B 194 2.30 -22.83 -21.21
C ASN B 194 2.20 -24.23 -20.60
N TRP B 195 0.97 -24.63 -20.27
CA TRP B 195 0.74 -25.92 -19.63
C TRP B 195 1.31 -27.08 -20.45
N SER B 196 0.97 -27.16 -21.73
CA SER B 196 1.38 -28.33 -22.50
C SER B 196 2.90 -28.39 -22.66
N THR B 197 3.58 -27.24 -22.68
CA THR B 197 5.04 -27.29 -22.70
C THR B 197 5.57 -27.96 -21.44
N MET B 198 4.90 -27.71 -20.31
CA MET B 198 5.35 -28.27 -19.05
C MET B 198 5.03 -29.75 -18.98
N VAL B 199 3.86 -30.15 -19.48
CA VAL B 199 3.51 -31.57 -19.48
C VAL B 199 4.49 -32.37 -20.33
N GLU B 200 4.93 -31.81 -21.46
CA GLU B 200 5.89 -32.51 -22.31
C GLU B 200 7.21 -32.73 -21.57
N GLY B 201 7.69 -31.74 -20.83
CA GLY B 201 8.92 -31.93 -20.07
C GLY B 201 8.77 -32.95 -18.95
N VAL B 202 7.67 -32.87 -18.20
CA VAL B 202 7.41 -33.80 -17.10
C VAL B 202 7.24 -35.22 -17.61
N GLN B 203 6.47 -35.40 -18.70
CA GLN B 203 6.25 -36.73 -19.26
C GLN B 203 7.52 -37.31 -19.87
N SER B 204 8.39 -36.47 -20.42
CA SER B 204 9.64 -36.96 -20.95
C SER B 204 10.53 -37.48 -19.84
N HIS B 205 10.57 -36.81 -18.69
CA HIS B 205 11.34 -37.36 -17.58
C HIS B 205 10.73 -38.67 -17.08
N ILE B 206 9.40 -38.74 -16.99
CA ILE B 206 8.76 -39.95 -16.52
C ILE B 206 9.09 -41.11 -17.44
N GLY B 207 9.11 -40.85 -18.76
CA GLY B 207 9.48 -41.87 -19.71
C GLY B 207 10.92 -42.34 -19.55
N SER B 208 11.82 -41.47 -19.14
CA SER B 208 13.16 -41.95 -18.88
C SER B 208 13.21 -42.82 -17.62
N LEU B 209 12.24 -42.66 -16.71
CA LEU B 209 12.22 -43.54 -15.55
C LEU B 209 11.58 -44.89 -15.88
N ASN B 210 10.47 -44.91 -16.64
CA ASN B 210 9.94 -46.18 -17.12
C ASN B 210 11.05 -47.01 -17.74
N TRP B 211 11.81 -46.39 -18.64
CA TRP B 211 12.87 -47.10 -19.36
C TRP B 211 13.96 -47.57 -18.41
N GLY B 212 14.38 -46.70 -17.48
CA GLY B 212 15.41 -47.08 -16.53
C GLY B 212 15.04 -48.31 -15.71
N TYR B 213 13.78 -48.37 -15.26
CA TYR B 213 13.33 -49.52 -14.47
C TYR B 213 13.37 -50.81 -15.27
N LYS B 214 12.89 -50.78 -16.53
CA LYS B 214 12.96 -51.98 -17.38
C LYS B 214 14.41 -52.42 -17.61
N VAL B 215 15.33 -51.47 -17.82
CA VAL B 215 16.73 -51.82 -17.98
C VAL B 215 17.28 -52.42 -16.69
N ALA B 216 16.95 -51.81 -15.54
CA ALA B 216 17.40 -52.35 -14.26
C ALA B 216 16.95 -53.79 -14.07
N LEU B 217 15.69 -54.07 -14.38
CA LEU B 217 15.19 -55.43 -14.20
C LEU B 217 15.98 -56.41 -15.06
N ARG B 218 16.17 -56.08 -16.34
CA ARG B 218 16.93 -56.94 -17.25
C ARG B 218 18.35 -57.16 -16.75
N ASP B 219 19.02 -56.10 -16.29
CA ASP B 219 20.40 -56.27 -15.86
C ASP B 219 20.52 -56.97 -14.49
N ASN B 220 19.41 -57.33 -13.84
CA ASN B 220 19.42 -58.16 -12.65
C ASN B 220 18.82 -59.54 -12.91
N GLN B 221 18.52 -59.87 -14.18
CA GLN B 221 17.94 -61.17 -14.52
C GLN B 221 16.62 -61.36 -13.80
N VAL B 222 15.86 -60.28 -13.69
CA VAL B 222 14.48 -60.32 -13.20
C VAL B 222 13.56 -60.38 -14.41
N THR B 223 12.67 -61.37 -14.42
CA THR B 223 11.72 -61.50 -15.52
C THR B 223 10.56 -60.54 -15.29
N TYR B 224 10.38 -59.60 -16.21
CA TYR B 224 9.32 -58.62 -16.12
C TYR B 224 8.18 -59.00 -17.06
N LEU B 225 6.99 -59.21 -16.51
CA LEU B 225 5.82 -59.56 -17.31
C LEU B 225 4.78 -58.47 -17.16
N ASN B 226 4.49 -57.77 -18.25
CA ASN B 226 3.46 -56.73 -18.25
C ASN B 226 2.09 -57.42 -18.34
N ALA B 227 1.69 -58.00 -17.22
CA ALA B 227 0.45 -58.76 -17.17
C ALA B 227 -0.20 -58.60 -15.81
N LYS B 228 -1.53 -58.72 -15.78
CA LYS B 228 -2.29 -58.63 -14.55
C LYS B 228 -2.18 -59.96 -13.80
N GLY B 229 -1.87 -59.87 -12.51
CA GLY B 229 -1.65 -61.04 -11.67
C GLY B 229 -2.80 -61.29 -10.71
N ARG B 230 -3.07 -62.56 -10.46
CA ARG B 230 -4.14 -63.00 -9.56
C ARG B 230 -3.65 -64.23 -8.82
N LEU B 231 -3.64 -64.14 -7.49
CA LEU B 231 -3.26 -65.27 -6.65
C LEU B 231 -4.47 -66.17 -6.43
N ILE B 232 -4.41 -67.38 -6.98
CA ILE B 232 -5.51 -68.34 -6.94
C ILE B 232 -5.26 -69.39 -5.87
N SER B 233 -3.98 -69.67 -5.56
CA SER B 233 -3.65 -70.57 -4.45
C SER B 233 -2.35 -70.07 -3.81
N PRO B 234 -1.96 -70.58 -2.62
CA PRO B 234 -0.75 -70.04 -1.95
C PRO B 234 0.49 -69.93 -2.81
N HIS B 235 0.63 -70.77 -3.84
CA HIS B 235 1.85 -70.80 -4.65
C HIS B 235 1.58 -70.58 -6.13
N GLU B 236 0.34 -70.34 -6.53
CA GLU B 236 -0.03 -70.24 -7.94
C GLU B 236 -0.54 -68.85 -8.25
N VAL B 237 0.00 -68.24 -9.31
CA VAL B 237 -0.45 -66.94 -9.78
C VAL B 237 -0.94 -67.07 -11.21
N GLN B 238 -2.15 -66.60 -11.46
CA GLN B 238 -2.73 -66.60 -12.79
C GLN B 238 -2.51 -65.24 -13.44
N ILE B 239 -1.97 -65.24 -14.66
CA ILE B 239 -1.59 -64.03 -15.37
C ILE B 239 -2.43 -63.89 -16.63
N THR B 240 -2.67 -62.64 -17.02
CA THR B 240 -3.46 -62.31 -18.21
C THR B 240 -2.75 -61.18 -18.93
N ASP B 241 -2.31 -61.43 -20.17
CA ASP B 241 -1.43 -60.51 -20.88
C ASP B 241 -2.24 -59.55 -21.76
N LYS B 242 -1.55 -58.83 -22.67
CA LYS B 242 -2.20 -57.81 -23.48
C LYS B 242 -3.22 -58.39 -24.46
N ASN B 243 -2.96 -59.59 -24.99
CA ASN B 243 -3.92 -60.25 -25.87
C ASN B 243 -4.98 -61.03 -25.10
N GLN B 244 -5.09 -60.80 -23.79
CA GLN B 244 -6.06 -61.50 -22.95
C GLN B 244 -5.79 -63.01 -22.91
N LYS B 245 -4.52 -63.39 -23.00
CA LYS B 245 -4.12 -64.79 -22.87
C LYS B 245 -3.84 -65.13 -21.41
N VAL B 246 -4.44 -66.24 -20.94
CA VAL B 246 -4.36 -66.63 -19.53
C VAL B 246 -3.36 -67.77 -19.39
N SER B 247 -2.65 -67.79 -18.26
CA SER B 247 -1.72 -68.87 -17.94
C SER B 247 -1.47 -68.84 -16.43
N THR B 248 -0.58 -69.72 -15.98
CA THR B 248 -0.35 -69.93 -14.55
C THR B 248 1.14 -70.16 -14.33
N ILE B 249 1.70 -69.48 -13.33
CA ILE B 249 3.08 -69.66 -12.92
C ILE B 249 3.09 -69.92 -11.42
N THR B 250 4.19 -70.47 -10.94
CA THR B 250 4.27 -70.82 -9.54
C THR B 250 5.52 -70.22 -8.92
N GLY B 251 5.39 -69.85 -7.65
CA GLY B 251 6.52 -69.31 -6.92
C GLY B 251 6.53 -69.82 -5.49
N ASN B 252 7.74 -69.93 -4.95
CA ASN B 252 7.89 -70.26 -3.54
C ASN B 252 7.35 -69.12 -2.66
N LYS B 253 7.99 -67.95 -2.69
CA LYS B 253 7.52 -66.81 -1.93
C LYS B 253 6.74 -65.85 -2.82
N ILE B 254 5.74 -65.19 -2.24
CA ILE B 254 4.87 -64.28 -2.95
C ILE B 254 4.82 -62.97 -2.18
N ILE B 255 5.02 -61.85 -2.88
CA ILE B 255 4.90 -60.51 -2.32
C ILE B 255 3.80 -59.77 -3.05
N LEU B 256 2.77 -59.33 -2.32
CA LEU B 256 1.75 -58.46 -2.89
C LEU B 256 2.15 -57.00 -2.69
N ALA B 257 2.11 -56.24 -3.78
CA ALA B 257 2.57 -54.84 -3.79
C ALA B 257 1.79 -54.06 -4.85
N THR B 258 0.46 -54.13 -4.79
CA THR B 258 -0.38 -53.65 -5.87
C THR B 258 -0.91 -52.23 -5.65
N GLY B 259 -0.63 -51.63 -4.49
CA GLY B 259 -0.98 -50.22 -4.34
C GLY B 259 -2.48 -49.95 -4.25
N GLU B 260 -2.83 -48.69 -4.55
CA GLU B 260 -4.18 -48.18 -4.47
C GLU B 260 -4.49 -47.38 -5.73
N ARG B 261 -5.73 -46.93 -5.84
CA ARG B 261 -6.19 -46.06 -6.91
C ARG B 261 -7.18 -45.07 -6.32
N PRO B 262 -7.44 -43.96 -7.01
CA PRO B 262 -8.36 -42.94 -6.47
C PRO B 262 -9.83 -43.40 -6.41
N LYS B 263 -10.52 -42.94 -5.38
CA LYS B 263 -11.96 -43.14 -5.26
C LYS B 263 -12.73 -42.06 -5.99
N TYR B 264 -13.97 -42.40 -6.35
CA TYR B 264 -14.94 -41.40 -6.79
C TYR B 264 -16.09 -41.32 -5.81
N PRO B 265 -16.70 -40.16 -5.63
CA PRO B 265 -17.93 -40.10 -4.85
C PRO B 265 -19.09 -40.68 -5.64
N GLU B 266 -20.04 -41.27 -4.90
CA GLU B 266 -21.23 -41.89 -5.50
C GLU B 266 -22.27 -40.83 -5.81
N ILE B 267 -22.02 -40.07 -6.88
CA ILE B 267 -22.91 -38.99 -7.30
C ILE B 267 -22.96 -38.95 -8.82
N PRO B 268 -24.04 -38.39 -9.38
CA PRO B 268 -24.19 -38.42 -10.84
C PRO B 268 -23.20 -37.51 -11.53
N GLY B 269 -22.58 -38.05 -12.59
CA GLY B 269 -21.68 -37.30 -13.43
C GLY B 269 -20.21 -37.45 -13.08
N ALA B 270 -19.91 -37.93 -11.86
CA ALA B 270 -18.55 -37.88 -11.35
C ALA B 270 -17.59 -38.65 -12.26
N VAL B 271 -17.87 -39.94 -12.45
CA VAL B 271 -17.03 -40.80 -13.29
C VAL B 271 -17.06 -40.33 -14.74
N GLU B 272 -18.22 -39.86 -15.19
CA GLU B 272 -18.35 -39.46 -16.59
C GLU B 272 -17.57 -38.19 -16.88
N TYR B 273 -17.73 -37.16 -16.06
CA TYR B 273 -17.28 -35.84 -16.44
C TYR B 273 -16.14 -35.30 -15.59
N GLY B 274 -15.79 -35.96 -14.47
CA GLY B 274 -14.67 -35.54 -13.65
C GLY B 274 -13.36 -36.24 -14.03
N ILE B 275 -12.27 -35.82 -13.38
CA ILE B 275 -10.99 -36.50 -13.47
C ILE B 275 -10.41 -36.66 -12.07
N THR B 276 -9.33 -37.43 -11.97
CA THR B 276 -8.54 -37.52 -10.75
C THR B 276 -7.07 -37.24 -11.04
N SER B 277 -6.24 -37.36 -10.00
CA SER B 277 -4.80 -37.10 -10.16
C SER B 277 -4.17 -38.05 -11.18
N ASP B 278 -4.69 -39.27 -11.30
CA ASP B 278 -4.24 -40.19 -12.35
C ASP B 278 -4.27 -39.54 -13.72
N ASP B 279 -5.28 -38.69 -14.00
CA ASP B 279 -5.38 -38.01 -15.28
C ASP B 279 -4.68 -36.66 -15.35
N LEU B 280 -4.44 -36.00 -14.21
CA LEU B 280 -4.01 -34.60 -14.25
C LEU B 280 -2.63 -34.45 -14.86
N PHE B 281 -1.72 -35.38 -14.56
CA PHE B 281 -0.31 -35.23 -14.87
C PHE B 281 0.04 -35.43 -16.34
N SER B 282 -0.85 -36.01 -17.14
CA SER B 282 -0.64 -36.09 -18.58
C SER B 282 -1.78 -35.45 -19.37
N LEU B 283 -2.61 -34.64 -18.70
CA LEU B 283 -3.71 -33.95 -19.38
C LEU B 283 -3.19 -33.11 -20.54
N PRO B 284 -3.73 -33.27 -21.75
CA PRO B 284 -3.18 -32.54 -22.90
C PRO B 284 -3.59 -31.08 -22.97
N TYR B 285 -4.73 -30.70 -22.40
CA TYR B 285 -5.16 -29.30 -22.36
C TYR B 285 -4.95 -28.75 -20.96
N PHE B 286 -4.77 -27.43 -20.86
CA PHE B 286 -4.78 -26.79 -19.54
C PHE B 286 -6.15 -26.97 -18.90
N PRO B 287 -6.22 -27.30 -17.61
CA PRO B 287 -7.53 -27.52 -16.98
C PRO B 287 -8.49 -26.35 -17.05
N GLY B 288 -7.97 -25.12 -17.18
CA GLY B 288 -8.83 -23.93 -17.08
C GLY B 288 -9.38 -23.76 -15.67
N LYS B 289 -10.51 -23.04 -15.59
CA LYS B 289 -11.16 -22.85 -14.29
C LYS B 289 -11.51 -24.21 -13.69
N THR B 290 -10.92 -24.50 -12.53
CA THR B 290 -10.95 -25.84 -11.94
C THR B 290 -11.63 -25.84 -10.59
N LEU B 291 -12.33 -26.92 -10.30
CA LEU B 291 -12.84 -27.21 -8.98
C LEU B 291 -12.17 -28.47 -8.47
N VAL B 292 -11.59 -28.40 -7.27
CA VAL B 292 -10.99 -29.54 -6.60
C VAL B 292 -11.86 -29.89 -5.41
N ILE B 293 -12.31 -31.15 -5.37
CA ILE B 293 -13.19 -31.63 -4.31
C ILE B 293 -12.38 -32.56 -3.43
N GLY B 294 -12.31 -32.23 -2.14
CA GLY B 294 -11.43 -32.92 -1.22
C GLY B 294 -10.52 -31.94 -0.50
N ALA B 295 -9.83 -32.47 0.51
CA ALA B 295 -9.01 -31.61 1.34
C ALA B 295 -7.78 -32.35 1.88
N SER B 296 -7.41 -33.47 1.28
CA SER B 296 -6.17 -34.17 1.60
C SER B 296 -4.98 -33.43 0.99
N TYR B 297 -3.78 -33.92 1.31
CA TYR B 297 -2.57 -33.31 0.76
C TYR B 297 -2.59 -33.31 -0.77
N VAL B 298 -3.13 -34.37 -1.38
CA VAL B 298 -3.24 -34.40 -2.85
C VAL B 298 -4.05 -33.22 -3.35
N ALA B 299 -5.25 -33.03 -2.77
CA ALA B 299 -6.12 -31.93 -3.17
C ALA B 299 -5.45 -30.57 -3.02
N LEU B 300 -4.80 -30.33 -1.88
CA LEU B 300 -4.15 -29.03 -1.66
C LEU B 300 -2.94 -28.87 -2.56
N GLU B 301 -2.12 -29.92 -2.72
CA GLU B 301 -0.93 -29.80 -3.54
C GLU B 301 -1.29 -29.41 -4.97
N CYS B 302 -2.29 -30.10 -5.54
CA CYS B 302 -2.74 -29.81 -6.89
C CYS B 302 -3.37 -28.42 -6.99
N ALA B 303 -4.32 -28.11 -6.10
CA ALA B 303 -4.88 -26.77 -6.15
C ALA B 303 -3.81 -25.73 -6.03
N GLY B 304 -2.76 -26.04 -5.27
CA GLY B 304 -1.67 -25.08 -5.05
C GLY B 304 -0.89 -24.73 -6.30
N PHE B 305 -0.43 -25.73 -7.05
CA PHE B 305 0.32 -25.32 -8.23
C PHE B 305 -0.59 -24.86 -9.38
N LEU B 306 -1.81 -25.37 -9.46
CA LEU B 306 -2.71 -24.85 -10.50
C LEU B 306 -2.91 -23.35 -10.36
N ALA B 307 -3.02 -22.86 -9.13
CA ALA B 307 -3.19 -21.43 -8.92
C ALA B 307 -1.91 -20.68 -9.25
N SER B 308 -0.76 -21.24 -8.86
CA SER B 308 0.53 -20.58 -9.11
C SER B 308 0.82 -20.47 -10.60
N LEU B 309 0.37 -21.43 -11.40
CA LEU B 309 0.51 -21.36 -12.85
C LEU B 309 -0.51 -20.42 -13.50
N GLY B 310 -1.45 -19.89 -12.74
CA GLY B 310 -2.38 -18.90 -13.24
C GLY B 310 -3.80 -19.36 -13.40
N GLY B 311 -4.17 -20.50 -12.83
CA GLY B 311 -5.53 -20.96 -12.95
C GLY B 311 -6.45 -20.36 -11.91
N ASP B 312 -7.74 -20.38 -12.27
CA ASP B 312 -8.84 -19.98 -11.40
C ASP B 312 -9.28 -21.23 -10.66
N VAL B 313 -8.93 -21.32 -9.39
CA VAL B 313 -8.99 -22.58 -8.65
C VAL B 313 -9.87 -22.41 -7.42
N THR B 314 -10.65 -23.44 -7.12
CA THR B 314 -11.55 -23.45 -5.98
C THR B 314 -11.48 -24.84 -5.34
N VAL B 315 -11.50 -24.90 -4.01
CA VAL B 315 -11.44 -26.18 -3.30
C VAL B 315 -12.71 -26.30 -2.47
N MET B 316 -13.33 -27.48 -2.53
CA MET B 316 -14.58 -27.74 -1.82
C MET B 316 -14.25 -28.65 -0.63
N VAL B 317 -14.41 -28.13 0.57
CA VAL B 317 -13.99 -28.80 1.80
C VAL B 317 -15.24 -29.25 2.55
N ARG B 318 -15.37 -30.57 2.71
CA ARG B 318 -16.46 -31.14 3.50
C ARG B 318 -16.43 -30.65 4.94
N SER B 319 -15.33 -30.93 5.66
CA SER B 319 -15.17 -30.55 7.06
C SER B 319 -13.88 -29.77 7.31
N ILE B 320 -12.73 -30.45 7.40
CA ILE B 320 -11.46 -29.81 7.71
C ILE B 320 -10.41 -30.09 6.65
N LEU B 321 -9.33 -29.32 6.70
CA LEU B 321 -8.14 -29.59 5.88
C LEU B 321 -7.24 -30.62 6.56
N LEU B 322 -6.64 -31.49 5.74
CA LEU B 322 -5.55 -32.37 6.17
C LEU B 322 -5.88 -33.13 7.45
N ARG B 323 -7.05 -33.78 7.44
CA ARG B 323 -7.47 -34.63 8.55
C ARG B 323 -6.37 -35.63 8.87
N GLY B 324 -6.03 -35.74 10.16
CA GLY B 324 -4.96 -36.60 10.61
C GLY B 324 -3.65 -35.89 10.86
N PHE B 325 -3.48 -34.66 10.35
CA PHE B 325 -2.31 -33.83 10.59
C PHE B 325 -2.64 -32.77 11.64
N ASP B 326 -1.58 -32.23 12.27
CA ASP B 326 -1.70 -31.16 13.27
C ASP B 326 -2.53 -30.01 12.73
N GLN B 327 -3.63 -29.69 13.42
CA GLN B 327 -4.64 -28.82 12.84
C GLN B 327 -4.26 -27.35 12.89
N GLN B 328 -3.41 -26.94 13.84
CA GLN B 328 -2.90 -25.58 13.76
C GLN B 328 -2.07 -25.40 12.50
N MET B 329 -1.17 -26.36 12.21
CA MET B 329 -0.37 -26.30 10.98
C MET B 329 -1.25 -26.38 9.73
N ALA B 330 -2.25 -27.27 9.75
CA ALA B 330 -3.15 -27.37 8.59
C ALA B 330 -3.83 -26.05 8.29
N GLU B 331 -4.25 -25.33 9.34
CA GLU B 331 -4.96 -24.07 9.11
C GLU B 331 -4.02 -23.00 8.60
N LYS B 332 -2.77 -23.00 9.07
CA LYS B 332 -1.79 -22.06 8.55
C LYS B 332 -1.47 -22.35 7.07
N VAL B 333 -1.36 -23.63 6.72
CA VAL B 333 -1.24 -24.01 5.32
C VAL B 333 -2.39 -23.41 4.52
N GLY B 334 -3.62 -23.57 5.02
CA GLY B 334 -4.78 -23.16 4.24
C GLY B 334 -4.93 -21.65 4.15
N ASP B 335 -4.59 -20.93 5.22
CA ASP B 335 -4.64 -19.48 5.17
C ASP B 335 -3.65 -18.95 4.14
N TYR B 336 -2.46 -19.53 4.07
CA TYR B 336 -1.49 -19.08 3.07
C TYR B 336 -2.06 -19.21 1.66
N MET B 337 -2.62 -20.37 1.33
CA MET B 337 -3.19 -20.58 0.00
C MET B 337 -4.32 -19.59 -0.28
N GLU B 338 -5.18 -19.36 0.71
CA GLU B 338 -6.31 -18.44 0.51
C GLU B 338 -5.83 -17.02 0.23
N ASN B 339 -4.72 -16.60 0.82
CA ASN B 339 -4.21 -15.26 0.59
C ASN B 339 -3.42 -15.16 -0.70
N HIS B 340 -3.04 -16.28 -1.30
CA HIS B 340 -2.31 -16.25 -2.56
C HIS B 340 -3.14 -16.81 -3.71
N GLY B 341 -4.46 -16.75 -3.59
CA GLY B 341 -5.34 -16.97 -4.72
C GLY B 341 -5.89 -18.37 -4.92
N VAL B 342 -6.08 -19.14 -3.86
CA VAL B 342 -6.96 -20.31 -3.92
C VAL B 342 -8.24 -19.93 -3.20
N LYS B 343 -9.39 -20.26 -3.79
CA LYS B 343 -10.67 -19.99 -3.16
C LYS B 343 -11.16 -21.25 -2.47
N PHE B 344 -11.84 -21.08 -1.35
CA PHE B 344 -12.31 -22.21 -0.57
C PHE B 344 -13.83 -22.13 -0.40
N ALA B 345 -14.50 -23.24 -0.68
CA ALA B 345 -15.94 -23.40 -0.43
C ALA B 345 -16.06 -24.29 0.78
N LYS B 346 -16.27 -23.68 1.94
CA LYS B 346 -16.12 -24.35 3.23
C LYS B 346 -17.41 -25.05 3.66
N LEU B 347 -17.25 -26.21 4.30
CA LEU B 347 -18.35 -27.08 4.74
C LEU B 347 -19.39 -27.28 3.63
N CYS B 348 -18.92 -27.92 2.56
CA CYS B 348 -19.67 -28.05 1.31
C CYS B 348 -19.36 -29.40 0.71
N VAL B 349 -20.38 -30.06 0.16
CA VAL B 349 -20.19 -31.35 -0.50
C VAL B 349 -20.94 -31.34 -1.83
N PRO B 350 -20.51 -32.12 -2.81
CA PRO B 350 -21.15 -32.08 -4.13
C PRO B 350 -22.33 -33.02 -4.23
N ASP B 351 -23.26 -32.69 -5.14
CA ASP B 351 -24.46 -33.49 -5.38
C ASP B 351 -24.53 -34.10 -6.77
N GLU B 352 -24.04 -33.40 -7.81
CA GLU B 352 -24.08 -33.90 -9.18
C GLU B 352 -23.19 -33.01 -10.05
N ILE B 353 -22.74 -33.59 -11.17
CA ILE B 353 -22.00 -32.87 -12.20
C ILE B 353 -22.76 -33.00 -13.51
N LYS B 354 -23.11 -31.86 -14.11
CA LYS B 354 -23.83 -31.83 -15.37
C LYS B 354 -22.89 -31.40 -16.48
N GLN B 355 -22.92 -32.11 -17.61
CA GLN B 355 -22.11 -31.71 -18.75
C GLN B 355 -22.81 -30.60 -19.51
N LEU B 356 -22.06 -29.53 -19.82
CA LEU B 356 -22.51 -28.46 -20.68
C LEU B 356 -21.80 -28.45 -22.02
N LYS B 357 -20.52 -28.81 -22.02
CA LYS B 357 -19.70 -28.93 -23.21
C LYS B 357 -18.83 -30.18 -23.10
N VAL B 358 -18.76 -30.93 -24.18
CA VAL B 358 -17.87 -32.06 -24.27
C VAL B 358 -16.45 -31.55 -24.47
N VAL B 359 -15.47 -32.30 -23.95
CA VAL B 359 -14.07 -31.97 -24.15
C VAL B 359 -13.80 -31.86 -25.65
N ASP B 360 -13.35 -30.67 -26.09
CA ASP B 360 -12.90 -30.45 -27.46
C ASP B 360 -11.55 -31.13 -27.67
N THR B 361 -11.57 -32.40 -28.04
CA THR B 361 -10.36 -33.20 -28.11
C THR B 361 -9.50 -32.86 -29.33
N GLU B 362 -10.07 -32.25 -30.36
CA GLU B 362 -9.29 -31.86 -31.54
C GLU B 362 -8.42 -30.64 -31.26
N ASN B 363 -9.06 -29.50 -30.94
CA ASN B 363 -8.39 -28.23 -30.70
C ASN B 363 -7.77 -28.14 -29.33
N ASN B 364 -7.82 -29.22 -28.54
CA ASN B 364 -7.11 -29.31 -27.27
C ASN B 364 -7.62 -28.29 -26.26
N LYS B 365 -8.89 -28.44 -25.91
CA LYS B 365 -9.59 -27.53 -25.01
C LYS B 365 -10.42 -28.36 -24.04
N PRO B 366 -10.70 -27.84 -22.86
CA PRO B 366 -11.57 -28.57 -21.92
C PRO B 366 -13.03 -28.37 -22.27
N GLY B 367 -13.88 -29.21 -21.68
CA GLY B 367 -15.31 -29.07 -21.77
C GLY B 367 -15.83 -27.92 -20.92
N LEU B 368 -17.06 -28.07 -20.45
CA LEU B 368 -17.67 -27.14 -19.50
C LEU B 368 -18.66 -27.93 -18.64
N LEU B 369 -18.61 -27.74 -17.33
CA LEU B 369 -19.43 -28.51 -16.41
C LEU B 369 -20.23 -27.61 -15.49
N LEU B 370 -21.35 -28.14 -15.00
CA LEU B 370 -22.14 -27.51 -13.96
C LEU B 370 -22.07 -28.36 -12.70
N VAL B 371 -21.63 -27.77 -11.59
CA VAL B 371 -21.51 -28.48 -10.32
C VAL B 371 -22.58 -27.95 -9.39
N LYS B 372 -23.32 -28.85 -8.77
CA LYS B 372 -24.40 -28.49 -7.86
C LYS B 372 -24.21 -29.24 -6.56
N GLY B 373 -24.26 -28.51 -5.46
CA GLY B 373 -24.07 -29.09 -4.16
C GLY B 373 -24.71 -28.22 -3.13
N HIS B 374 -24.52 -28.60 -1.86
CA HIS B 374 -25.11 -27.87 -0.75
C HIS B 374 -24.11 -27.74 0.40
N TYR B 375 -24.24 -26.66 1.16
CA TYR B 375 -23.48 -26.42 2.37
C TYR B 375 -24.07 -27.20 3.54
N THR B 376 -23.29 -27.25 4.63
CA THR B 376 -23.65 -28.08 5.78
C THR B 376 -24.85 -27.54 6.56
N ASP B 377 -25.12 -26.24 6.46
CA ASP B 377 -26.29 -25.68 7.13
C ASP B 377 -27.56 -26.02 6.37
N GLY B 378 -27.45 -26.19 5.05
CA GLY B 378 -28.59 -26.41 4.18
C GLY B 378 -28.54 -25.61 2.89
N LYS B 379 -27.91 -24.43 2.90
CA LYS B 379 -27.74 -23.55 1.74
C LYS B 379 -27.16 -24.26 0.50
N LYS B 380 -27.37 -23.70 -0.69
CA LYS B 380 -27.10 -24.37 -1.96
C LYS B 380 -25.82 -23.87 -2.62
N PHE B 381 -25.19 -24.76 -3.41
CA PHE B 381 -24.01 -24.41 -4.19
C PHE B 381 -24.29 -24.67 -5.67
N GLU B 382 -23.95 -23.71 -6.52
CA GLU B 382 -24.10 -23.91 -7.96
C GLU B 382 -23.13 -23.00 -8.71
N GLU B 383 -22.25 -23.59 -9.51
CA GLU B 383 -21.24 -22.84 -10.26
C GLU B 383 -20.72 -23.72 -11.39
N GLU B 384 -20.23 -23.07 -12.44
CA GLU B 384 -19.70 -23.75 -13.62
C GLU B 384 -18.17 -23.79 -13.58
N PHE B 385 -17.60 -24.92 -14.03
CA PHE B 385 -16.16 -25.11 -14.08
C PHE B 385 -15.78 -25.81 -15.38
N GLU B 386 -14.56 -25.56 -15.84
CA GLU B 386 -14.06 -26.28 -17.01
C GLU B 386 -13.52 -27.67 -16.68
N THR B 387 -12.97 -27.86 -15.47
CA THR B 387 -12.44 -29.14 -15.02
C THR B 387 -12.84 -29.38 -13.58
N VAL B 388 -13.20 -30.60 -13.25
CA VAL B 388 -13.49 -30.99 -11.88
C VAL B 388 -12.56 -32.15 -11.52
N ILE B 389 -11.80 -31.99 -10.44
CA ILE B 389 -10.84 -32.98 -9.98
C ILE B 389 -11.29 -33.50 -8.63
N PHE B 390 -11.50 -34.82 -8.54
CA PHE B 390 -11.83 -35.48 -7.27
C PHE B 390 -10.55 -35.98 -6.62
N ALA B 391 -10.36 -35.58 -5.36
CA ALA B 391 -9.28 -36.07 -4.50
C ALA B 391 -9.91 -36.37 -3.14
N VAL B 392 -10.64 -37.49 -3.07
CA VAL B 392 -11.43 -37.82 -1.89
C VAL B 392 -10.95 -39.14 -1.32
N GLY B 393 -9.68 -39.44 -1.50
CA GLY B 393 -9.09 -40.63 -0.91
C GLY B 393 -8.78 -41.68 -1.95
N ARG B 394 -8.06 -42.70 -1.49
CA ARG B 394 -7.58 -43.78 -2.35
C ARG B 394 -7.86 -45.10 -1.65
N GLU B 395 -8.00 -46.18 -2.43
CA GLU B 395 -8.33 -47.47 -1.84
C GLU B 395 -7.70 -48.57 -2.66
N PRO B 396 -7.39 -49.70 -2.04
CA PRO B 396 -6.98 -50.89 -2.78
C PRO B 396 -8.21 -51.64 -3.28
N GLN B 397 -7.99 -52.55 -4.20
CA GLN B 397 -9.11 -53.38 -4.63
C GLN B 397 -8.60 -54.81 -4.80
N LEU B 398 -8.39 -55.47 -3.66
CA LEU B 398 -7.72 -56.75 -3.62
C LEU B 398 -8.57 -57.90 -4.14
N SER B 399 -9.90 -57.71 -4.28
CA SER B 399 -10.70 -58.70 -5.00
C SER B 399 -10.21 -58.88 -6.44
N LYS B 400 -9.69 -57.82 -7.06
CA LYS B 400 -9.08 -57.93 -8.38
C LYS B 400 -7.84 -58.83 -8.35
N VAL B 401 -7.14 -58.86 -7.23
CA VAL B 401 -5.79 -59.40 -7.15
C VAL B 401 -5.80 -60.75 -6.47
N LEU B 402 -6.71 -60.92 -5.52
CA LEU B 402 -6.61 -61.93 -4.48
C LEU B 402 -7.88 -62.76 -4.43
N CYS B 403 -7.73 -64.08 -4.51
CA CYS B 403 -8.88 -64.97 -4.48
C CYS B 403 -9.21 -65.30 -3.02
N GLU B 404 -10.48 -65.06 -2.65
CA GLU B 404 -10.88 -65.17 -1.25
C GLU B 404 -10.60 -66.56 -0.68
N THR B 405 -10.58 -67.59 -1.52
CA THR B 405 -10.35 -68.95 -1.04
C THR B 405 -8.91 -69.17 -0.56
N VAL B 406 -7.97 -68.29 -0.95
CA VAL B 406 -6.58 -68.49 -0.60
C VAL B 406 -6.35 -68.31 0.90
N GLY B 407 -7.14 -67.48 1.54
CA GLY B 407 -7.07 -67.33 2.97
C GLY B 407 -6.27 -66.16 3.50
N VAL B 408 -6.07 -65.10 2.71
CA VAL B 408 -5.32 -63.94 3.19
C VAL B 408 -6.31 -63.00 3.90
N LYS B 409 -6.08 -62.78 5.19
CA LYS B 409 -6.97 -61.92 5.98
C LYS B 409 -6.82 -60.45 5.57
N LEU B 410 -7.95 -59.80 5.29
CA LEU B 410 -8.04 -58.35 5.07
C LEU B 410 -8.74 -57.69 6.25
N ASP B 411 -8.59 -56.37 6.36
CA ASP B 411 -9.29 -55.61 7.37
C ASP B 411 -10.56 -54.99 6.77
N LYS B 412 -11.28 -54.22 7.58
CA LYS B 412 -12.55 -53.65 7.14
C LYS B 412 -12.36 -52.64 6.00
N ASN B 413 -11.19 -52.01 5.91
CA ASN B 413 -10.88 -51.11 4.81
C ASN B 413 -10.52 -51.83 3.52
N GLY B 414 -10.08 -53.09 3.61
CA GLY B 414 -9.62 -53.82 2.46
C GLY B 414 -8.12 -53.99 2.38
N ARG B 415 -7.39 -53.71 3.45
CA ARG B 415 -5.94 -53.82 3.49
C ARG B 415 -5.50 -55.08 4.22
N VAL B 416 -4.30 -55.54 3.90
CA VAL B 416 -3.84 -56.86 4.30
C VAL B 416 -3.32 -56.78 5.73
N VAL B 417 -3.86 -57.65 6.60
CA VAL B 417 -3.39 -57.70 7.98
C VAL B 417 -2.10 -58.51 7.98
N CYS B 418 -1.03 -57.93 8.53
CA CYS B 418 0.29 -58.53 8.48
C CYS B 418 0.92 -58.52 9.87
N THR B 419 1.85 -59.44 10.09
CA THR B 419 2.68 -59.38 11.29
C THR B 419 3.73 -58.28 11.10
N ASP B 420 4.58 -58.08 12.11
CA ASP B 420 5.57 -57.01 12.04
C ASP B 420 6.75 -57.34 11.11
N ASP B 421 6.69 -58.46 10.39
CA ASP B 421 7.70 -58.73 9.38
C ASP B 421 7.05 -58.88 8.01
N GLU B 422 5.85 -58.33 7.85
CA GLU B 422 5.08 -58.27 6.61
C GLU B 422 4.42 -59.60 6.24
N GLN B 423 4.48 -60.62 7.09
CA GLN B 423 3.84 -61.90 6.76
C GLN B 423 2.32 -61.80 6.82
N THR B 424 1.65 -62.38 5.82
CA THR B 424 0.19 -62.48 5.83
C THR B 424 -0.24 -63.65 6.71
N THR B 425 -1.55 -63.95 6.69
CA THR B 425 -2.08 -65.13 7.37
C THR B 425 -1.76 -66.43 6.63
N VAL B 426 -1.17 -66.34 5.45
CA VAL B 426 -0.68 -67.49 4.69
C VAL B 426 0.85 -67.42 4.74
N SER B 427 1.48 -68.49 5.23
CA SER B 427 2.84 -68.39 5.73
C SER B 427 3.88 -67.95 4.68
N ASN B 428 3.60 -68.09 3.39
CA ASN B 428 4.60 -67.80 2.38
C ASN B 428 4.25 -66.56 1.54
N VAL B 429 3.14 -65.90 1.87
CA VAL B 429 2.67 -64.71 1.18
C VAL B 429 2.92 -63.51 2.09
N TYR B 430 3.42 -62.41 1.51
CA TYR B 430 3.70 -61.20 2.25
C TYR B 430 3.08 -60.01 1.51
N ALA B 431 3.00 -58.89 2.21
CA ALA B 431 2.49 -57.65 1.62
C ALA B 431 3.32 -56.48 2.11
N ILE B 432 3.53 -55.50 1.22
CA ILE B 432 4.34 -54.31 1.48
C ILE B 432 3.67 -53.10 0.86
N GLY B 433 4.02 -51.91 1.36
CA GLY B 433 3.54 -50.71 0.71
C GLY B 433 2.15 -50.31 1.17
N ASP B 434 1.42 -49.61 0.28
CA ASP B 434 0.17 -48.98 0.70
C ASP B 434 -0.91 -49.99 1.12
N ILE B 435 -0.82 -51.26 0.68
CA ILE B 435 -1.85 -52.23 1.05
C ILE B 435 -1.58 -52.92 2.38
N ASN B 436 -0.41 -52.72 2.97
CA ASN B 436 -0.14 -53.21 4.30
C ASN B 436 -0.92 -52.36 5.31
N ALA B 437 -1.84 -52.99 6.05
CA ALA B 437 -2.75 -52.26 6.93
C ALA B 437 -2.00 -51.56 8.07
N GLY B 438 -2.44 -50.33 8.38
CA GLY B 438 -1.89 -49.57 9.48
C GLY B 438 -0.54 -48.89 9.23
N LYS B 439 0.11 -49.09 8.02
CA LYS B 439 1.42 -48.48 7.89
C LYS B 439 1.33 -47.13 7.18
N PRO B 440 2.31 -46.25 7.39
CA PRO B 440 2.33 -44.99 6.64
C PRO B 440 2.43 -45.26 5.14
N GLN B 441 1.55 -44.61 4.38
CA GLN B 441 1.46 -44.83 2.95
C GLN B 441 2.38 -43.83 2.24
N LEU B 442 3.65 -44.21 2.06
CA LEU B 442 4.68 -43.31 1.58
C LEU B 442 5.69 -44.10 0.77
N THR B 443 6.19 -43.51 -0.33
CA THR B 443 7.11 -44.25 -1.20
C THR B 443 8.39 -44.70 -0.50
N PRO B 444 9.09 -43.89 0.29
CA PRO B 444 10.31 -44.40 0.95
C PRO B 444 10.03 -45.53 1.93
N VAL B 445 8.84 -45.55 2.53
CA VAL B 445 8.48 -46.63 3.44
C VAL B 445 8.36 -47.95 2.67
N ALA B 446 7.59 -47.93 1.58
CA ALA B 446 7.47 -49.12 0.73
C ALA B 446 8.83 -49.63 0.24
N ILE B 447 9.75 -48.71 -0.09
CA ILE B 447 11.04 -49.13 -0.62
C ILE B 447 11.87 -49.83 0.45
N GLN B 448 11.87 -49.28 1.66
CA GLN B 448 12.57 -49.91 2.78
C GLN B 448 11.94 -51.26 3.14
N ALA B 449 10.61 -51.30 3.25
CA ALA B 449 9.94 -52.55 3.56
C ALA B 449 10.29 -53.63 2.55
N GLY B 450 10.25 -53.29 1.26
CA GLY B 450 10.57 -54.26 0.22
C GLY B 450 12.03 -54.72 0.27
N ARG B 451 12.96 -53.77 0.42
CA ARG B 451 14.37 -54.16 0.45
C ARG B 451 14.69 -54.98 1.69
N TYR B 452 14.09 -54.64 2.83
CA TYR B 452 14.46 -55.35 4.06
C TYR B 452 13.87 -56.77 4.08
N LEU B 453 12.67 -56.93 3.52
CA LEU B 453 12.04 -58.25 3.45
C LEU B 453 12.84 -59.21 2.59
N ALA B 454 13.26 -58.73 1.40
CA ALA B 454 14.05 -59.57 0.50
C ALA B 454 15.31 -60.09 1.18
N ARG B 455 15.93 -59.27 2.02
CA ARG B 455 17.14 -59.73 2.71
C ARG B 455 16.83 -60.76 3.80
N ARG B 456 15.66 -60.68 4.42
CA ARG B 456 15.30 -61.68 5.41
C ARG B 456 14.94 -63.00 4.72
N LEU B 457 14.31 -62.94 3.55
CA LEU B 457 13.92 -64.16 2.86
C LEU B 457 15.12 -64.91 2.32
N PHE B 458 16.01 -64.21 1.64
CA PHE B 458 17.02 -64.87 0.83
C PHE B 458 18.45 -64.64 1.27
N ALA B 459 18.68 -63.91 2.36
CA ALA B 459 20.04 -63.63 2.76
C ALA B 459 20.28 -63.85 4.24
N GLY B 460 19.30 -64.35 4.99
CA GLY B 460 19.47 -64.59 6.41
C GLY B 460 19.43 -63.36 7.29
N ALA B 461 18.88 -62.25 6.81
CA ALA B 461 18.89 -61.06 7.64
C ALA B 461 17.77 -61.11 8.67
N THR B 462 17.94 -60.32 9.75
CA THR B 462 16.92 -60.21 10.79
C THR B 462 16.30 -58.82 10.91
N GLU B 463 16.93 -57.79 10.35
CA GLU B 463 16.48 -56.42 10.53
C GLU B 463 15.06 -56.22 10.01
N LEU B 464 14.21 -55.67 10.87
CA LEU B 464 12.84 -55.32 10.50
C LEU B 464 12.75 -53.84 10.12
N THR B 465 11.67 -53.47 9.44
CA THR B 465 11.40 -52.08 9.08
C THR B 465 10.78 -51.35 10.26
N ASP B 466 11.31 -50.17 10.59
CA ASP B 466 10.80 -49.34 11.68
C ASP B 466 9.80 -48.35 11.10
N TYR B 467 8.53 -48.50 11.48
CA TYR B 467 7.46 -47.66 10.96
C TYR B 467 7.13 -46.46 11.85
N SER B 468 7.83 -46.27 12.96
CA SER B 468 7.46 -45.19 13.86
C SER B 468 8.21 -43.88 13.53
N ASN B 469 7.52 -42.76 13.77
CA ASN B 469 8.09 -41.42 13.62
C ASN B 469 8.67 -41.16 12.22
N VAL B 470 7.98 -41.63 11.18
CA VAL B 470 8.41 -41.38 9.81
C VAL B 470 8.02 -39.96 9.40
N ALA B 471 9.00 -39.19 8.91
CA ALA B 471 8.74 -37.80 8.61
C ALA B 471 8.01 -37.66 7.27
N THR B 472 7.24 -36.57 7.15
CA THR B 472 6.41 -36.28 5.98
C THR B 472 6.73 -34.88 5.47
N THR B 473 6.33 -34.59 4.24
CA THR B 473 6.28 -33.20 3.80
C THR B 473 5.12 -33.02 2.84
N VAL B 474 4.29 -32.01 3.12
CA VAL B 474 3.18 -31.62 2.24
C VAL B 474 3.66 -30.45 1.39
N PHE B 475 3.67 -30.63 0.07
CA PHE B 475 4.28 -29.67 -0.85
C PHE B 475 3.28 -28.65 -1.39
N THR B 476 2.53 -28.05 -0.47
CA THR B 476 1.69 -26.91 -0.77
C THR B 476 2.54 -25.67 -1.11
N PRO B 477 1.92 -24.61 -1.65
CA PRO B 477 2.73 -23.45 -2.09
C PRO B 477 3.69 -22.96 -1.02
N LEU B 478 3.29 -22.96 0.25
CA LEU B 478 4.23 -22.92 1.36
C LEU B 478 4.29 -24.32 1.99
N GLU B 479 5.46 -24.96 1.90
CA GLU B 479 5.57 -26.37 2.29
C GLU B 479 5.47 -26.54 3.80
N TYR B 480 5.04 -27.74 4.20
CA TYR B 480 4.82 -28.09 5.61
C TYR B 480 5.48 -29.45 5.89
N GLY B 481 6.54 -29.44 6.71
CA GLY B 481 7.24 -30.65 7.10
C GLY B 481 6.90 -31.01 8.53
N ALA B 482 6.87 -32.32 8.81
CA ALA B 482 6.53 -32.78 10.15
C ALA B 482 7.26 -34.09 10.46
N CYS B 483 7.61 -34.29 11.73
CA CYS B 483 8.08 -35.58 12.22
C CYS B 483 7.48 -35.85 13.59
N GLY B 484 6.82 -36.98 13.76
CA GLY B 484 6.28 -37.32 15.08
C GLY B 484 4.85 -36.86 15.30
N LEU B 485 4.50 -36.69 16.58
CA LEU B 485 3.12 -36.45 16.98
C LEU B 485 2.67 -35.01 16.73
N SER B 486 1.44 -34.85 16.24
CA SER B 486 0.78 -33.56 16.28
C SER B 486 0.61 -33.10 17.72
N GLU B 487 0.32 -31.80 17.88
CA GLU B 487 0.16 -31.27 19.22
C GLU B 487 -1.05 -31.89 19.95
N GLU B 488 -2.20 -32.00 19.25
CA GLU B 488 -3.40 -32.52 19.89
C GLU B 488 -3.23 -33.99 20.27
N ASP B 489 -2.52 -34.77 19.44
CA ASP B 489 -2.31 -36.17 19.79
C ASP B 489 -1.40 -36.31 21.00
N ALA B 490 -0.40 -35.45 21.13
CA ALA B 490 0.45 -35.47 22.30
C ALA B 490 -0.34 -35.14 23.56
N ILE B 491 -1.12 -34.06 23.51
CA ILE B 491 -1.91 -33.68 24.67
C ILE B 491 -2.86 -34.81 25.05
N GLU B 492 -3.49 -35.44 24.07
CA GLU B 492 -4.42 -36.52 24.35
C GLU B 492 -3.73 -37.69 25.02
N LYS B 493 -2.54 -38.07 24.53
CA LYS B 493 -1.89 -39.27 25.04
C LYS B 493 -1.21 -39.03 26.39
N TYR B 494 -0.81 -37.80 26.70
CA TYR B 494 -0.09 -37.56 27.96
C TYR B 494 -0.74 -36.55 28.89
N GLY B 495 -1.70 -35.77 28.43
CA GLY B 495 -2.30 -34.78 29.31
C GLY B 495 -1.62 -33.42 29.19
N ASP B 496 -2.45 -32.37 29.13
CA ASP B 496 -1.97 -31.02 28.85
C ASP B 496 -0.92 -30.54 29.85
N LYS B 497 -0.95 -31.05 31.08
CA LYS B 497 -0.01 -30.56 32.07
C LYS B 497 1.39 -31.15 31.88
N ASP B 498 1.52 -32.22 31.10
CA ASP B 498 2.80 -32.84 30.81
C ASP B 498 3.38 -32.40 29.46
N ILE B 499 2.70 -31.51 28.73
CA ILE B 499 3.11 -31.10 27.39
C ILE B 499 3.58 -29.66 27.43
N GLU B 500 4.78 -29.41 26.88
CA GLU B 500 5.33 -28.08 26.68
C GLU B 500 5.59 -27.88 25.20
N VAL B 501 5.22 -26.71 24.67
CA VAL B 501 5.35 -26.44 23.25
C VAL B 501 6.16 -25.15 23.04
N TYR B 502 7.36 -25.30 22.49
CA TYR B 502 8.18 -24.15 22.10
C TYR B 502 7.87 -23.82 20.63
N HIS B 503 7.70 -22.54 20.33
CA HIS B 503 7.32 -22.16 18.98
C HIS B 503 7.89 -20.79 18.64
N SER B 504 7.86 -20.45 17.35
CA SER B 504 8.36 -19.15 16.92
C SER B 504 7.99 -18.95 15.44
N ASN B 505 7.64 -17.71 15.09
CA ASN B 505 7.60 -17.34 13.70
C ASN B 505 9.02 -17.09 13.18
N PHE B 506 9.17 -17.06 11.87
CA PHE B 506 10.42 -16.64 11.25
C PHE B 506 10.17 -16.13 9.84
N LYS B 507 11.18 -15.43 9.32
CA LYS B 507 11.14 -14.87 7.98
C LYS B 507 12.43 -15.28 7.30
N PRO B 508 12.38 -16.05 6.20
CA PRO B 508 13.61 -16.36 5.46
C PRO B 508 14.34 -15.07 5.09
N LEU B 509 15.68 -15.12 5.14
CA LEU B 509 16.46 -13.96 4.68
C LEU B 509 16.12 -13.63 3.22
N GLU B 510 15.88 -14.67 2.40
CA GLU B 510 15.53 -14.48 0.99
C GLU B 510 14.28 -13.64 0.80
N TRP B 511 13.38 -13.62 1.79
CA TRP B 511 12.13 -12.88 1.70
C TRP B 511 12.26 -11.40 2.07
N THR B 512 13.37 -10.97 2.67
CA THR B 512 13.48 -9.57 3.10
C THR B 512 13.50 -8.62 1.91
N VAL B 513 14.51 -8.75 1.03
CA VAL B 513 14.63 -7.87 -0.12
C VAL B 513 13.46 -8.04 -1.08
N ALA B 514 12.82 -9.23 -1.10
CA ALA B 514 11.67 -9.46 -1.98
C ALA B 514 10.36 -8.91 -1.43
N HIS B 515 10.35 -8.35 -0.22
CA HIS B 515 9.15 -7.77 0.39
C HIS B 515 8.02 -8.79 0.57
N ARG B 516 8.38 -9.97 1.05
CA ARG B 516 7.37 -10.99 1.36
C ARG B 516 6.98 -10.88 2.83
N GLU B 517 6.03 -11.71 3.26
CA GLU B 517 5.37 -11.54 4.57
C GLU B 517 6.33 -11.83 5.72
N ASP B 518 6.09 -11.13 6.85
CA ASP B 518 6.93 -11.16 8.05
C ASP B 518 6.66 -12.32 8.99
N ASN B 519 5.39 -12.66 9.22
CA ASN B 519 5.08 -13.58 10.31
C ASN B 519 4.19 -14.70 9.81
N VAL B 520 4.58 -15.31 8.71
CA VAL B 520 3.82 -16.39 8.10
C VAL B 520 4.50 -17.74 8.30
N CYS B 521 5.83 -17.81 8.12
CA CYS B 521 6.53 -19.05 8.42
C CYS B 521 6.54 -19.29 9.92
N TYR B 522 6.49 -20.56 10.31
CA TYR B 522 6.25 -20.90 11.71
C TYR B 522 6.83 -22.27 12.01
N MET B 523 7.33 -22.46 13.23
CA MET B 523 7.78 -23.78 13.64
C MET B 523 7.51 -23.99 15.12
N LYS B 524 7.45 -25.25 15.52
CA LYS B 524 7.23 -25.60 16.91
C LYS B 524 7.82 -26.96 17.22
N LEU B 525 8.22 -27.14 18.49
CA LEU B 525 8.58 -28.43 19.07
C LEU B 525 7.58 -28.78 20.17
N VAL B 526 7.02 -29.98 20.10
CA VAL B 526 6.07 -30.49 21.08
C VAL B 526 6.82 -31.42 22.02
N CYS B 527 6.95 -31.07 23.30
CA CYS B 527 7.83 -31.81 24.21
C CYS B 527 7.11 -32.33 25.45
N ARG B 528 7.57 -33.48 25.94
CA ARG B 528 7.03 -34.10 27.15
C ARG B 528 7.87 -33.73 28.38
N LYS B 529 7.26 -33.04 29.33
CA LYS B 529 7.98 -32.55 30.50
C LYS B 529 8.55 -33.71 31.31
N SER B 530 7.71 -34.66 31.68
CA SER B 530 8.11 -35.74 32.59
C SER B 530 9.14 -36.69 32.00
N ASP B 531 9.51 -36.54 30.72
CA ASP B 531 10.51 -37.40 30.09
C ASP B 531 11.69 -36.57 29.59
N ASN B 532 12.22 -35.69 30.44
CA ASN B 532 13.44 -34.94 30.12
C ASN B 532 13.23 -34.01 28.92
N MET B 533 11.98 -33.56 28.77
CA MET B 533 11.58 -32.64 27.71
C MET B 533 11.87 -33.24 26.34
N ARG B 534 11.55 -34.54 26.19
CA ARG B 534 11.68 -35.25 24.93
C ARG B 534 10.88 -34.60 23.81
N VAL B 535 11.47 -34.51 22.63
CA VAL B 535 10.78 -33.99 21.45
C VAL B 535 9.82 -35.06 20.95
N LEU B 536 8.52 -34.82 21.11
CA LEU B 536 7.47 -35.74 20.64
C LEU B 536 7.09 -35.50 19.18
N GLY B 537 7.15 -34.25 18.72
CA GLY B 537 6.83 -33.92 17.34
C GLY B 537 7.49 -32.62 16.94
N LEU B 538 7.95 -32.54 15.69
CA LEU B 538 8.52 -31.33 15.12
C LEU B 538 7.66 -30.91 13.94
N HIS B 539 7.47 -29.60 13.77
CA HIS B 539 6.58 -29.05 12.74
C HIS B 539 7.18 -27.74 12.22
N VAL B 540 7.21 -27.58 10.89
CA VAL B 540 7.79 -26.39 10.28
C VAL B 540 7.02 -26.05 9.00
N LEU B 541 6.58 -24.81 8.90
CA LEU B 541 5.94 -24.27 7.72
C LEU B 541 6.87 -23.23 7.11
N GLY B 542 7.33 -23.47 5.90
CA GLY B 542 8.27 -22.57 5.26
C GLY B 542 8.88 -23.20 4.02
N PRO B 543 9.69 -22.43 3.30
CA PRO B 543 10.31 -22.96 2.08
C PRO B 543 11.30 -24.06 2.40
N ASN B 544 11.42 -25.01 1.46
CA ASN B 544 12.33 -26.17 1.58
C ASN B 544 12.05 -27.00 2.84
N ALA B 545 10.78 -27.10 3.26
CA ALA B 545 10.46 -27.76 4.53
C ALA B 545 10.93 -29.21 4.56
N GLY B 546 10.94 -29.89 3.40
CA GLY B 546 11.44 -31.24 3.36
C GLY B 546 12.93 -31.33 3.68
N GLU B 547 13.73 -30.44 3.08
CA GLU B 547 15.15 -30.47 3.39
C GLU B 547 15.40 -30.04 4.84
N ILE B 548 14.59 -29.11 5.35
CA ILE B 548 14.70 -28.74 6.76
C ILE B 548 14.42 -29.95 7.65
N THR B 549 13.30 -30.63 7.41
CA THR B 549 12.83 -31.62 8.38
C THR B 549 13.72 -32.87 8.40
N GLN B 550 14.24 -33.29 7.24
CA GLN B 550 14.78 -34.65 7.09
C GLN B 550 15.87 -34.95 8.11
N GLY B 551 16.84 -34.04 8.25
CA GLY B 551 17.93 -34.28 9.18
C GLY B 551 17.46 -34.50 10.61
N TYR B 552 16.42 -33.79 11.02
CA TYR B 552 15.95 -33.92 12.39
C TYR B 552 15.23 -35.25 12.66
N ALA B 553 14.73 -35.91 11.61
CA ALA B 553 14.16 -37.24 11.81
C ALA B 553 15.19 -38.21 12.38
N VAL B 554 16.47 -38.08 11.98
CA VAL B 554 17.49 -38.93 12.60
C VAL B 554 17.59 -38.65 14.09
N ALA B 555 17.61 -37.38 14.47
CA ALA B 555 17.76 -37.08 15.89
C ALA B 555 16.55 -37.55 16.69
N ILE B 556 15.35 -37.44 16.10
CA ILE B 556 14.15 -37.87 16.79
C ILE B 556 14.13 -39.38 16.96
N LYS B 557 14.56 -40.11 15.94
CA LYS B 557 14.68 -41.57 16.05
C LYS B 557 15.60 -41.96 17.20
N MET B 558 16.59 -41.11 17.49
CA MET B 558 17.57 -41.36 18.54
C MET B 558 17.15 -40.86 19.92
N GLY B 559 15.96 -40.27 20.04
CA GLY B 559 15.47 -39.82 21.33
C GLY B 559 15.80 -38.38 21.72
N ALA B 560 15.86 -37.47 20.74
CA ALA B 560 16.30 -36.11 21.04
C ALA B 560 15.38 -35.40 22.04
N THR B 561 15.99 -34.56 22.88
CA THR B 561 15.35 -33.75 23.90
C THR B 561 15.55 -32.28 23.53
N LYS B 562 14.78 -31.39 24.17
CA LYS B 562 14.99 -29.96 23.97
C LYS B 562 16.43 -29.56 24.24
N ALA B 563 17.07 -30.19 25.24
CA ALA B 563 18.46 -29.86 25.54
C ALA B 563 19.38 -30.19 24.37
N ASP B 564 19.16 -31.32 23.70
CA ASP B 564 19.96 -31.67 22.54
C ASP B 564 19.87 -30.59 21.46
N PHE B 565 18.65 -30.11 21.17
CA PHE B 565 18.50 -29.00 20.23
C PHE B 565 19.20 -27.73 20.73
N ASP B 566 19.09 -27.44 22.03
CA ASP B 566 19.69 -26.24 22.60
C ASP B 566 21.21 -26.26 22.46
N ARG B 567 21.83 -27.37 22.83
CA ARG B 567 23.29 -27.41 22.85
C ARG B 567 23.90 -27.51 21.46
N THR B 568 23.09 -27.77 20.42
CA THR B 568 23.60 -27.77 19.04
C THR B 568 23.58 -26.35 18.48
N ILE B 569 24.59 -26.00 17.69
CA ILE B 569 24.76 -24.63 17.19
C ILE B 569 24.13 -24.49 15.80
N GLY B 570 23.58 -23.31 15.55
CA GLY B 570 22.96 -23.05 14.26
C GLY B 570 23.98 -22.91 13.14
N ILE B 571 23.48 -23.08 11.91
CA ILE B 571 24.14 -22.66 10.68
C ILE B 571 23.47 -21.38 10.20
N HIS B 572 24.25 -20.34 10.00
CA HIS B 572 23.72 -19.01 9.70
C HIS B 572 24.23 -18.50 8.34
N PRO B 573 23.37 -17.90 7.50
CA PRO B 573 21.91 -17.73 7.64
C PRO B 573 21.07 -18.83 6.97
N THR B 574 20.29 -19.58 7.75
CA THR B 574 19.34 -20.56 7.26
C THR B 574 18.03 -20.40 8.01
N CYS B 575 16.96 -20.96 7.44
CA CYS B 575 15.70 -21.04 8.17
C CYS B 575 15.78 -22.07 9.29
N SER B 576 16.49 -23.17 9.03
CA SER B 576 16.50 -24.32 9.93
C SER B 576 17.14 -24.01 11.28
N GLU B 577 18.10 -23.08 11.31
CA GLU B 577 18.80 -22.75 12.55
C GLU B 577 17.85 -22.28 13.64
N THR B 578 16.66 -21.78 13.27
CA THR B 578 15.69 -21.30 14.24
C THR B 578 15.26 -22.39 15.21
N PHE B 579 15.37 -23.66 14.81
CA PHE B 579 15.08 -24.77 15.72
C PHE B 579 16.09 -24.87 16.87
N THR B 580 17.29 -24.30 16.73
CA THR B 580 18.33 -24.43 17.74
C THR B 580 18.30 -23.36 18.82
N THR B 581 17.41 -22.36 18.73
CA THR B 581 17.33 -21.33 19.76
C THR B 581 15.89 -21.05 20.21
N LEU B 582 14.99 -22.03 20.06
CA LEU B 582 13.61 -21.81 20.49
C LEU B 582 13.53 -21.59 22.00
N HIS B 583 12.65 -20.67 22.43
CA HIS B 583 12.57 -20.41 23.86
C HIS B 583 11.19 -19.93 24.33
N VAL B 584 10.34 -19.42 23.44
CA VAL B 584 9.00 -18.98 23.83
C VAL B 584 8.09 -20.21 23.99
N THR B 585 7.44 -20.33 25.14
CA THR B 585 6.47 -21.41 25.33
C THR B 585 5.06 -20.91 25.12
N LYS B 586 4.17 -21.86 24.79
CA LYS B 586 2.76 -21.51 24.64
C LYS B 586 2.14 -21.18 25.99
N LYS B 587 2.50 -21.94 27.03
CA LYS B 587 1.93 -21.68 28.34
C LYS B 587 2.27 -20.28 28.84
N SER B 588 3.37 -19.69 28.35
CA SER B 588 3.77 -18.38 28.84
C SER B 588 2.93 -17.24 28.26
N GLY B 589 2.22 -17.47 27.15
CA GLY B 589 1.44 -16.42 26.56
C GLY B 589 2.20 -15.41 25.73
N VAL B 590 3.54 -15.51 25.68
CA VAL B 590 4.34 -14.53 24.96
C VAL B 590 4.16 -14.71 23.46
N SER B 591 4.19 -13.60 22.72
CA SER B 591 3.99 -13.67 21.28
C SER B 591 5.12 -14.43 20.60
N PRO B 592 4.83 -15.21 19.57
CA PRO B 592 5.90 -15.85 18.79
C PRO B 592 6.43 -15.02 17.62
N ILE B 593 5.94 -13.78 17.43
CA ILE B 593 6.31 -13.01 16.23
C ILE B 593 7.75 -12.52 16.34
N VAL B 594 8.31 -12.06 15.21
CA VAL B 594 9.67 -11.56 15.17
C VAL B 594 9.65 -10.06 14.92
#